data_8I6O
#
_entry.id   8I6O
#
_cell.length_a   1.00
_cell.length_b   1.00
_cell.length_c   1.00
_cell.angle_alpha   90.00
_cell.angle_beta   90.00
_cell.angle_gamma   90.00
#
_symmetry.space_group_name_H-M   'P 1'
#
loop_
_entity.id
_entity.type
_entity.pdbx_description
1 polymer 'Cell division protein FtsX'
2 polymer 'Cell division ATP-binding protein FtsE'
3 polymer 'Membrane-bound metallopeptidase'
#
loop_
_entity_poly.entity_id
_entity_poly.type
_entity_poly.pdbx_seq_one_letter_code
_entity_poly.pdbx_strand_id
1 'polypeptide(L)'
;MSANDLPRGPEEGAPERKTREKPSQEQTDWSGSFSAYLESHRASLVDSLRRLFGHPFGSFFTCLVMGITLSLPMGLSLLL
NNVERLGGSWQRAAQISLFLDLKTSENQGQDLREQIERLPDVIEAQLISREQALSELQEQSGLGEALKELPENPLPPVIS
VTPKQIDRAGLEALRQQLAELPHVQQAQLDLVWVERLSAILKLGERFVFGLTILLVLTLLLVVGNTIRLHIENRRNEIEV
IKLVGGTDGYVRRPFLYMGALYGLGAGILSWALLAYSLNWLNGSVVNLSGLYGSDFGLQGVPLDDGLSLTVGAVLLGWVG
AWLAVARHLRELAPR
;
A,C
2 'polypeptide(L)'
;MIRFEQVGKRYPNGHVGLHEVSFRVHRGEILFVTGHSGAGKSTLLRLILAMERPTSGKLLLGGQDLGRITTAQIPFLRRQ
IGVVFQNHQLLTDRTVADNIALPLQILGMPKPEIAKRVASALERVNLKEKGEALPSDLSTGQQQRVGIARAIVHQPALLL
ADEPTGNLDPRLASEIMGVFEDINRLGTTVLIASHDLALIARMRHRMLTLQRGRIIADREDEA
;
B,D
3 'polypeptide(L)'
;DERADTQRQLEQTQKDIGELKKLLDGIQQEKSGVQKQLKSTETEMGDLEKQIKALQDELDKSEAELKRLDGEKKKLQDAR
IEQQRLLAIQARAAYQSGREEYLKLLLNQEHPEKFSRTLTYYDYINKARLEQLASFNETLRQLANVEQDISAQKAEQLSK
QGELDSRREALAATRKERQQALAKLNSDYRERDQKLKSRQQDQAELAKVLRTIEETLARQAREAAAAAERERQRALAAER
ERARQQQAAPGRVTSPPREPAPGPLVSSTGAVYGGAFGSARGKLPWPVNGRVVARFGSQRGDDPRAKWDGVLISASAGST
VRAVHGGRVVFADWLRGAGLLVILDHGGGYLSLYGHNQSLLKDAGDTVKAGDPIATVGTSGGQSSPAVYFAIRHQGRPAD
PTTWCRAQG
;
E
#
# COMPACT_ATOMS: atom_id res chain seq x y z
N SER A 35 7.92 14.98 40.28
CA SER A 35 8.86 16.07 40.56
C SER A 35 8.54 17.30 39.72
N ALA A 36 9.58 18.00 39.30
CA ALA A 36 9.46 19.20 38.47
C ALA A 36 9.96 18.94 37.05
N TYR A 37 9.72 17.73 36.53
CA TYR A 37 10.15 17.41 35.18
C TYR A 37 9.08 17.72 34.14
N LEU A 38 7.93 18.26 34.56
CA LEU A 38 6.91 18.67 33.61
C LEU A 38 7.40 19.73 32.64
N GLU A 39 8.45 20.48 33.02
CA GLU A 39 9.04 21.43 32.10
C GLU A 39 9.59 20.74 30.86
N SER A 40 10.12 19.52 31.01
CA SER A 40 10.58 18.77 29.85
C SER A 40 9.44 18.50 28.89
N HIS A 41 8.30 18.06 29.40
CA HIS A 41 7.14 17.80 28.54
C HIS A 41 6.66 19.09 27.88
N ARG A 42 6.60 20.18 28.63
CA ARG A 42 6.16 21.45 28.07
C ARG A 42 7.06 21.88 26.92
N ALA A 43 8.38 21.85 27.15
CA ALA A 43 9.33 22.26 26.11
C ALA A 43 9.25 21.35 24.90
N SER A 44 9.15 20.04 25.13
CA SER A 44 9.06 19.11 24.01
C SER A 44 7.82 19.37 23.18
N LEU A 45 6.68 19.57 23.83
CA LEU A 45 5.44 19.76 23.09
C LEU A 45 5.45 21.09 22.33
N VAL A 46 5.93 22.16 22.95
CA VAL A 46 5.93 23.44 22.24
C VAL A 46 6.92 23.40 21.07
N ASP A 47 8.06 22.74 21.25
CA ASP A 47 9.01 22.60 20.15
C ASP A 47 8.41 21.79 19.01
N SER A 48 7.73 20.69 19.34
CA SER A 48 7.11 19.87 18.30
C SER A 48 6.04 20.65 17.54
N LEU A 49 5.21 21.41 18.25
CA LEU A 49 4.21 22.22 17.58
C LEU A 49 4.85 23.28 16.69
N ARG A 50 5.90 23.94 17.18
CA ARG A 50 6.56 24.96 16.38
C ARG A 50 7.16 24.37 15.12
N ARG A 51 7.80 23.20 15.23
CA ARG A 51 8.38 22.58 14.04
C ARG A 51 7.31 22.10 13.07
N LEU A 52 6.20 21.56 13.59
CA LEU A 52 5.16 21.05 12.71
C LEU A 52 4.45 22.17 11.98
N PHE A 53 4.25 23.31 12.63
CA PHE A 53 3.56 24.43 12.00
C PHE A 53 4.43 25.18 11.01
N GLY A 54 5.73 24.92 10.98
CA GLY A 54 6.59 25.54 9.98
C GLY A 54 6.62 24.72 8.70
N HIS A 55 6.56 25.43 7.57
CA HIS A 55 6.47 24.83 6.24
C HIS A 55 5.31 23.84 6.19
N PRO A 56 4.07 24.33 6.18
CA PRO A 56 2.91 23.42 6.35
C PRO A 56 2.81 22.34 5.30
N PHE A 57 3.22 22.61 4.05
CA PHE A 57 3.00 21.65 2.97
C PHE A 57 3.76 20.35 3.21
N GLY A 58 4.99 20.43 3.71
CA GLY A 58 5.77 19.23 3.95
C GLY A 58 5.11 18.29 4.95
N SER A 59 4.56 18.87 6.03
CA SER A 59 3.83 18.05 7.00
C SER A 59 2.51 17.55 6.43
N PHE A 60 1.82 18.39 5.66
CA PHE A 60 0.51 18.02 5.14
C PHE A 60 0.59 16.85 4.19
N PHE A 61 1.60 16.84 3.31
CA PHE A 61 1.72 15.74 2.36
C PHE A 61 1.99 14.42 3.07
N THR A 62 2.88 14.43 4.07
CA THR A 62 3.15 13.22 4.83
C THR A 62 1.90 12.73 5.56
N CYS A 63 1.16 13.66 6.18
CA CYS A 63 -0.06 13.28 6.87
C CYS A 63 -1.06 12.67 5.90
N LEU A 64 -1.19 13.24 4.71
CA LEU A 64 -2.16 12.74 3.74
C LEU A 64 -1.77 11.36 3.24
N VAL A 65 -0.47 11.13 2.99
CA VAL A 65 -0.01 9.82 2.54
C VAL A 65 -0.31 8.76 3.60
N MET A 66 0.05 9.06 4.86
CA MET A 66 -0.25 8.10 5.92
C MET A 66 -1.75 7.88 6.07
N GLY A 67 -2.53 8.95 5.90
CA GLY A 67 -3.98 8.80 6.01
C GLY A 67 -4.57 7.88 4.97
N ILE A 68 -4.14 8.05 3.70
CA ILE A 68 -4.66 7.19 2.64
C ILE A 68 -4.23 5.74 2.87
N THR A 69 -2.96 5.55 3.23
CA THR A 69 -2.44 4.20 3.41
C THR A 69 -3.15 3.49 4.56
N LEU A 70 -3.51 4.24 5.61
CA LEU A 70 -4.29 3.65 6.69
C LEU A 70 -5.75 3.46 6.30
N SER A 71 -6.29 4.33 5.45
CA SER A 71 -7.69 4.25 5.07
C SER A 71 -7.98 3.01 4.26
N LEU A 72 -7.02 2.56 3.44
CA LEU A 72 -7.28 1.39 2.59
C LEU A 72 -7.72 0.16 3.40
N PRO A 73 -6.90 -0.42 4.28
CA PRO A 73 -7.33 -1.65 4.96
C PRO A 73 -8.55 -1.44 5.84
N MET A 74 -8.67 -0.28 6.48
CA MET A 74 -9.85 0.01 7.28
C MET A 74 -11.10 0.02 6.41
N GLY A 75 -11.01 0.61 5.22
CA GLY A 75 -12.13 0.57 4.31
C GLY A 75 -12.51 -0.84 3.91
N LEU A 76 -11.52 -1.69 3.62
CA LEU A 76 -11.83 -3.07 3.28
C LEU A 76 -12.52 -3.78 4.43
N SER A 77 -12.03 -3.59 5.66
CA SER A 77 -12.63 -4.25 6.81
C SER A 77 -14.07 -3.77 7.02
N LEU A 78 -14.29 -2.46 6.85
CA LEU A 78 -15.65 -1.92 7.02
C LEU A 78 -16.59 -2.48 5.97
N LEU A 79 -16.13 -2.59 4.72
CA LEU A 79 -16.98 -3.16 3.68
C LEU A 79 -17.31 -4.62 3.97
N LEU A 80 -16.32 -5.38 4.45
CA LEU A 80 -16.58 -6.78 4.79
C LEU A 80 -17.59 -6.89 5.92
N ASN A 81 -17.44 -6.05 6.95
CA ASN A 81 -18.40 -6.07 8.06
C ASN A 81 -19.80 -5.71 7.59
N ASN A 82 -19.91 -4.74 6.68
CA ASN A 82 -21.22 -4.35 6.19
C ASN A 82 -21.85 -5.46 5.36
N VAL A 83 -21.05 -6.16 4.55
CA VAL A 83 -21.58 -7.28 3.77
C VAL A 83 -22.00 -8.42 4.69
N GLU A 84 -21.34 -8.56 5.85
CA GLU A 84 -21.65 -9.67 6.75
C GLU A 84 -23.10 -9.63 7.26
N ARG A 85 -23.77 -8.48 7.17
CA ARG A 85 -25.11 -8.37 7.73
C ARG A 85 -26.10 -9.31 7.04
N LEU A 86 -25.87 -9.62 5.77
CA LEU A 86 -26.77 -10.47 4.99
C LEU A 86 -26.23 -11.89 4.85
N GLY A 87 -25.57 -12.40 5.90
CA GLY A 87 -24.95 -13.72 5.84
C GLY A 87 -25.92 -14.88 5.78
N GLY A 88 -27.20 -14.65 6.07
CA GLY A 88 -28.15 -15.75 6.05
C GLY A 88 -28.46 -16.26 4.65
N SER A 89 -28.27 -15.42 3.64
CA SER A 89 -28.57 -15.84 2.27
C SER A 89 -27.52 -16.80 1.73
N TRP A 90 -26.25 -16.59 2.07
CA TRP A 90 -25.19 -17.47 1.60
C TRP A 90 -25.41 -18.89 2.10
N GLN A 91 -25.74 -19.05 3.37
CA GLN A 91 -26.04 -20.34 3.94
C GLN A 91 -27.50 -20.69 3.63
N ARG A 92 -27.98 -21.81 4.18
CA ARG A 92 -29.34 -22.28 3.98
C ARG A 92 -29.68 -22.52 2.52
N ALA A 93 -28.66 -22.69 1.67
CA ALA A 93 -28.88 -22.94 0.26
C ALA A 93 -28.91 -24.41 -0.09
N ALA A 94 -28.14 -25.24 0.61
CA ALA A 94 -28.10 -26.68 0.40
C ALA A 94 -28.63 -27.35 1.67
N GLN A 95 -29.94 -27.53 1.74
CA GLN A 95 -30.58 -28.12 2.89
C GLN A 95 -30.94 -29.57 2.59
N ILE A 96 -30.73 -30.44 3.58
CA ILE A 96 -30.96 -31.87 3.42
C ILE A 96 -32.44 -32.15 3.64
N SER A 97 -33.07 -32.78 2.65
CA SER A 97 -34.47 -33.16 2.77
C SER A 97 -34.59 -34.52 3.45
N LEU A 98 -35.61 -34.65 4.30
CA LEU A 98 -35.84 -35.85 5.11
C LEU A 98 -37.28 -36.32 4.93
N PHE A 99 -37.69 -36.50 3.67
CA PHE A 99 -39.04 -36.95 3.33
C PHE A 99 -39.47 -38.13 4.17
N LEU A 100 -40.62 -38.00 4.82
CA LEU A 100 -41.13 -39.02 5.72
C LEU A 100 -41.95 -40.05 4.95
N ASP A 101 -42.52 -41.00 5.68
CA ASP A 101 -43.39 -41.98 5.07
C ASP A 101 -44.77 -41.38 4.80
N LEU A 102 -45.57 -42.11 4.02
CA LEU A 102 -46.90 -41.63 3.63
C LEU A 102 -47.86 -41.58 4.81
N LYS A 103 -47.72 -42.46 5.79
CA LYS A 103 -48.60 -42.47 6.96
C LYS A 103 -47.80 -41.98 8.15
N THR A 104 -48.16 -40.81 8.67
CA THR A 104 -47.42 -40.20 9.77
C THR A 104 -48.37 -39.33 10.58
N SER A 105 -48.34 -39.52 11.91
CA SER A 105 -49.11 -38.67 12.80
C SER A 105 -48.49 -37.28 12.85
N GLU A 106 -49.35 -36.26 12.94
CA GLU A 106 -48.87 -34.89 13.02
C GLU A 106 -48.04 -34.67 14.28
N ASN A 107 -48.53 -35.17 15.43
CA ASN A 107 -47.79 -35.05 16.67
C ASN A 107 -46.43 -35.73 16.55
N GLN A 108 -46.37 -36.88 15.89
CA GLN A 108 -45.10 -37.51 15.59
C GLN A 108 -44.23 -36.59 14.72
N GLY A 109 -44.84 -35.86 13.80
CA GLY A 109 -44.08 -34.92 12.99
C GLY A 109 -43.44 -33.83 13.83
N GLN A 110 -44.20 -33.22 14.74
CA GLN A 110 -43.61 -32.21 15.61
C GLN A 110 -42.55 -32.82 16.54
N ASP A 111 -42.77 -34.07 16.98
CA ASP A 111 -41.78 -34.71 17.83
C ASP A 111 -40.46 -34.90 17.09
N LEU A 112 -40.51 -35.40 15.86
CA LEU A 112 -39.29 -35.53 15.05
C LEU A 112 -38.66 -34.17 14.76
N ARG A 113 -39.49 -33.14 14.52
CA ARG A 113 -38.94 -31.80 14.35
C ARG A 113 -38.15 -31.37 15.57
N GLU A 114 -38.71 -31.59 16.76
CA GLU A 114 -38.01 -31.21 17.99
C GLU A 114 -36.73 -32.02 18.16
N GLN A 115 -36.77 -33.33 17.88
CA GLN A 115 -35.58 -34.14 18.03
C GLN A 115 -34.47 -33.71 17.07
N ILE A 116 -34.83 -33.41 15.82
CA ILE A 116 -33.83 -32.94 14.87
C ILE A 116 -33.28 -31.59 15.30
N GLU A 117 -34.12 -30.74 15.89
CA GLU A 117 -33.65 -29.46 16.40
C GLU A 117 -32.60 -29.62 17.49
N ARG A 118 -32.62 -30.77 18.19
CA ARG A 118 -31.67 -30.98 19.28
C ARG A 118 -30.27 -31.28 18.77
N LEU A 119 -30.12 -31.57 17.48
CA LEU A 119 -28.81 -31.87 16.94
C LEU A 119 -27.92 -30.63 17.02
N PRO A 120 -26.68 -30.77 17.50
CA PRO A 120 -25.79 -29.60 17.61
C PRO A 120 -25.41 -28.98 16.28
N ASP A 121 -25.54 -29.73 15.18
CA ASP A 121 -25.02 -29.28 13.90
C ASP A 121 -26.11 -28.73 12.98
N VAL A 122 -27.28 -28.38 13.51
CA VAL A 122 -28.38 -27.87 12.70
C VAL A 122 -28.71 -26.46 13.17
N ILE A 123 -29.02 -25.57 12.21
CA ILE A 123 -29.45 -24.21 12.56
C ILE A 123 -30.96 -24.18 12.79
N GLU A 124 -31.72 -24.67 11.82
CA GLU A 124 -33.17 -24.48 11.81
C GLU A 124 -33.83 -25.75 11.30
N ALA A 125 -35.09 -25.91 11.67
CA ALA A 125 -35.90 -27.03 11.19
C ALA A 125 -37.28 -26.50 10.79
N GLN A 126 -37.92 -27.23 9.88
CA GLN A 126 -39.23 -26.84 9.39
C GLN A 126 -40.05 -28.09 9.13
N LEU A 127 -41.30 -27.88 8.74
CA LEU A 127 -42.20 -29.00 8.45
C LEU A 127 -43.22 -28.50 7.43
N ILE A 128 -43.05 -28.91 6.17
CA ILE A 128 -43.98 -28.56 5.11
C ILE A 128 -45.11 -29.58 5.10
N SER A 129 -46.32 -29.13 4.78
CA SER A 129 -47.51 -29.98 4.80
C SER A 129 -47.91 -30.32 3.38
N ARG A 130 -48.77 -31.34 3.26
CA ARG A 130 -49.19 -31.81 1.94
C ARG A 130 -49.94 -30.73 1.17
N GLU A 131 -50.84 -30.01 1.85
CA GLU A 131 -51.58 -28.95 1.18
C GLU A 131 -50.66 -27.81 0.76
N GLN A 132 -49.66 -27.50 1.58
CA GLN A 132 -48.67 -26.51 1.18
C GLN A 132 -47.78 -27.03 0.05
N ALA A 133 -47.44 -28.32 0.09
CA ALA A 133 -46.58 -28.89 -0.94
C ALA A 133 -47.27 -28.89 -2.29
N LEU A 134 -48.58 -29.15 -2.31
CA LEU A 134 -49.31 -29.13 -3.58
C LEU A 134 -49.26 -27.74 -4.21
N SER A 135 -49.50 -26.70 -3.43
CA SER A 135 -49.43 -25.34 -3.96
C SER A 135 -48.02 -24.98 -4.39
N GLU A 136 -47.02 -25.44 -3.62
CA GLU A 136 -45.63 -25.17 -3.99
C GLU A 136 -45.29 -25.81 -5.33
N LEU A 137 -45.74 -27.05 -5.56
CA LEU A 137 -45.52 -27.70 -6.84
C LEU A 137 -46.25 -26.97 -7.96
N GLN A 138 -47.50 -26.57 -7.70
CA GLN A 138 -48.29 -25.89 -8.72
C GLN A 138 -47.65 -24.58 -9.14
N GLU A 139 -47.12 -23.82 -8.18
CA GLU A 139 -46.59 -22.50 -8.50
C GLU A 139 -45.37 -22.60 -9.42
N GLN A 140 -44.42 -23.46 -9.07
CA GLN A 140 -43.19 -23.54 -9.87
C GLN A 140 -43.40 -24.32 -11.16
N SER A 141 -44.21 -25.39 -11.11
CA SER A 141 -44.41 -26.20 -12.30
C SER A 141 -45.12 -25.43 -13.40
N GLY A 142 -46.16 -24.68 -13.05
CA GLY A 142 -46.96 -23.99 -14.03
C GLY A 142 -47.97 -24.86 -14.75
N LEU A 143 -48.01 -26.15 -14.43
CA LEU A 143 -48.96 -27.04 -15.09
C LEU A 143 -50.38 -26.83 -14.59
N GLY A 144 -50.52 -26.25 -13.40
CA GLY A 144 -51.86 -26.00 -12.87
C GLY A 144 -52.43 -27.27 -12.28
N GLU A 145 -53.57 -27.70 -12.83
CA GLU A 145 -54.24 -28.91 -12.34
C GLU A 145 -53.35 -30.13 -12.54
N ALA A 146 -53.21 -30.93 -11.48
CA ALA A 146 -52.26 -32.03 -11.48
C ALA A 146 -53.00 -33.34 -11.39
N LEU A 147 -53.82 -33.56 -10.36
CA LEU A 147 -54.44 -34.86 -10.13
C LEU A 147 -55.85 -34.88 -10.72
N LYS A 148 -55.89 -35.05 -12.05
CA LYS A 148 -57.16 -34.98 -12.76
C LYS A 148 -58.02 -36.22 -12.49
N GLU A 149 -57.41 -37.41 -12.54
CA GLU A 149 -58.13 -38.66 -12.36
C GLU A 149 -57.37 -39.54 -11.37
N LEU A 150 -56.99 -38.94 -10.25
CA LEU A 150 -56.25 -39.64 -9.21
C LEU A 150 -57.07 -39.62 -7.92
N PRO A 151 -57.28 -40.77 -7.30
CA PRO A 151 -58.19 -40.83 -6.14
C PRO A 151 -57.71 -40.01 -4.95
N GLU A 152 -56.49 -40.24 -4.47
CA GLU A 152 -56.01 -39.60 -3.26
C GLU A 152 -54.66 -38.95 -3.51
N ASN A 153 -54.34 -37.97 -2.68
CA ASN A 153 -53.07 -37.27 -2.80
C ASN A 153 -51.93 -38.17 -2.29
N PRO A 154 -50.93 -38.44 -3.13
CA PRO A 154 -49.84 -39.33 -2.70
C PRO A 154 -48.64 -38.57 -2.15
N LEU A 155 -48.68 -37.24 -2.21
CA LEU A 155 -47.55 -36.45 -1.77
C LEU A 155 -47.38 -36.57 -0.26
N PRO A 156 -46.24 -37.05 0.22
CA PRO A 156 -46.06 -37.28 1.65
C PRO A 156 -45.52 -36.05 2.36
N PRO A 157 -45.72 -35.95 3.66
CA PRO A 157 -45.17 -34.80 4.41
C PRO A 157 -43.65 -34.77 4.32
N VAL A 158 -43.11 -33.55 4.28
CA VAL A 158 -41.67 -33.34 4.06
C VAL A 158 -41.16 -32.31 5.05
N ILE A 159 -39.87 -32.42 5.38
CA ILE A 159 -39.22 -31.50 6.31
C ILE A 159 -37.90 -31.04 5.70
N SER A 160 -37.29 -30.04 6.35
CA SER A 160 -36.03 -29.46 5.89
C SER A 160 -35.07 -29.30 7.06
N VAL A 161 -33.78 -29.44 6.78
CA VAL A 161 -32.73 -29.33 7.79
C VAL A 161 -31.59 -28.51 7.21
N THR A 162 -31.04 -27.59 8.02
CA THR A 162 -29.98 -26.71 7.56
C THR A 162 -28.78 -26.79 8.51
N PRO A 163 -27.58 -27.03 8.00
CA PRO A 163 -26.40 -27.12 8.86
C PRO A 163 -25.63 -25.80 8.95
N LYS A 164 -24.66 -25.77 9.87
CA LYS A 164 -23.80 -24.59 10.02
C LYS A 164 -22.91 -24.41 8.80
N GLN A 165 -22.22 -25.46 8.39
CA GLN A 165 -21.18 -25.39 7.37
C GLN A 165 -21.54 -26.25 6.17
N ILE A 166 -20.92 -25.95 5.04
CA ILE A 166 -21.20 -26.62 3.78
C ILE A 166 -19.90 -27.23 3.27
N ASP A 167 -19.85 -28.56 3.21
CA ASP A 167 -18.71 -29.29 2.66
C ASP A 167 -19.16 -30.67 2.23
N ARG A 168 -18.37 -31.30 1.36
CA ARG A 168 -18.77 -32.58 0.81
C ARG A 168 -18.69 -33.72 1.83
N ALA A 169 -17.83 -33.60 2.84
CA ALA A 169 -17.63 -34.67 3.82
C ALA A 169 -18.56 -34.55 5.01
N GLY A 170 -18.63 -33.38 5.63
CA GLY A 170 -19.49 -33.20 6.78
C GLY A 170 -20.95 -33.39 6.44
N LEU A 171 -21.39 -32.91 5.27
CA LEU A 171 -22.78 -33.09 4.86
C LEU A 171 -23.09 -34.57 4.64
N GLU A 172 -22.19 -35.32 4.02
CA GLU A 172 -22.40 -36.74 3.85
C GLU A 172 -22.46 -37.46 5.20
N ALA A 173 -21.58 -37.08 6.12
CA ALA A 173 -21.60 -37.68 7.45
C ALA A 173 -22.91 -37.40 8.17
N LEU A 174 -23.40 -36.16 8.08
CA LEU A 174 -24.66 -35.82 8.74
C LEU A 174 -25.84 -36.52 8.09
N ARG A 175 -25.81 -36.68 6.76
CA ARG A 175 -26.85 -37.45 6.10
C ARG A 175 -26.84 -38.90 6.55
N GLN A 176 -25.66 -39.50 6.69
CA GLN A 176 -25.57 -40.86 7.21
C GLN A 176 -26.10 -40.93 8.63
N GLN A 177 -25.80 -39.93 9.45
CA GLN A 177 -26.32 -39.88 10.81
C GLN A 177 -27.84 -39.81 10.82
N LEU A 178 -28.42 -39.00 9.94
CA LEU A 178 -29.87 -38.81 9.89
C LEU A 178 -30.60 -39.95 9.20
N ALA A 179 -29.89 -40.82 8.47
CA ALA A 179 -30.56 -41.86 7.71
C ALA A 179 -31.17 -42.95 8.58
N GLU A 180 -30.81 -43.03 9.87
CA GLU A 180 -31.30 -44.10 10.74
C GLU A 180 -32.26 -43.57 11.79
N LEU A 181 -33.04 -42.54 11.45
CA LEU A 181 -34.08 -42.06 12.34
C LEU A 181 -35.26 -43.02 12.34
N PRO A 182 -36.09 -43.00 13.38
CA PRO A 182 -37.19 -43.98 13.46
C PRO A 182 -38.13 -43.96 12.26
N HIS A 183 -38.44 -42.79 11.71
CA HIS A 183 -39.32 -42.68 10.54
C HIS A 183 -38.63 -41.82 9.48
N VAL A 184 -37.78 -42.46 8.69
CA VAL A 184 -37.15 -41.84 7.52
C VAL A 184 -37.00 -42.92 6.46
N GLN A 185 -37.18 -42.53 5.20
CA GLN A 185 -37.04 -43.45 4.09
C GLN A 185 -36.16 -42.95 2.95
N GLN A 186 -35.94 -41.64 2.86
CA GLN A 186 -35.07 -41.09 1.81
C GLN A 186 -34.43 -39.80 2.32
N ALA A 187 -33.33 -39.43 1.67
CA ALA A 187 -32.62 -38.20 1.98
C ALA A 187 -32.03 -37.68 0.67
N GLN A 188 -32.76 -36.76 0.03
CA GLN A 188 -32.40 -36.28 -1.30
C GLN A 188 -31.51 -35.05 -1.18
N LEU A 189 -30.21 -35.31 -1.10
CA LEU A 189 -29.21 -34.25 -1.12
C LEU A 189 -28.50 -34.27 -2.47
N ASP A 190 -28.42 -33.11 -3.11
CA ASP A 190 -27.80 -33.00 -4.43
C ASP A 190 -26.29 -32.81 -4.23
N LEU A 191 -25.56 -33.93 -4.19
CA LEU A 191 -24.13 -33.88 -3.91
C LEU A 191 -23.34 -33.15 -4.99
N VAL A 192 -23.81 -33.15 -6.23
CA VAL A 192 -23.06 -32.48 -7.30
C VAL A 192 -23.04 -30.97 -7.05
N TRP A 193 -24.10 -30.44 -6.45
CA TRP A 193 -24.19 -29.00 -6.20
C TRP A 193 -23.49 -28.58 -4.92
N VAL A 194 -23.63 -29.38 -3.85
CA VAL A 194 -23.06 -29.00 -2.57
C VAL A 194 -21.54 -28.86 -2.66
N GLU A 195 -20.89 -29.73 -3.43
CA GLU A 195 -19.46 -29.63 -3.62
C GLU A 195 -19.06 -28.34 -4.33
N ARG A 196 -19.84 -27.92 -5.33
CA ARG A 196 -19.55 -26.66 -6.00
C ARG A 196 -19.68 -25.47 -5.05
N LEU A 197 -20.67 -25.51 -4.17
CA LEU A 197 -20.87 -24.41 -3.24
C LEU A 197 -19.67 -24.25 -2.31
N SER A 198 -19.06 -25.36 -1.89
CA SER A 198 -17.89 -25.28 -1.04
C SER A 198 -16.74 -24.60 -1.75
N ALA A 199 -16.51 -24.93 -3.02
CA ALA A 199 -15.43 -24.29 -3.77
C ALA A 199 -15.72 -22.82 -4.02
N ILE A 200 -16.97 -22.49 -4.35
CA ILE A 200 -17.31 -21.10 -4.66
C ILE A 200 -17.31 -20.19 -3.44
N LEU A 201 -17.24 -20.77 -2.24
CA LEU A 201 -17.10 -19.99 -1.02
C LEU A 201 -15.67 -19.97 -0.49
N LYS A 202 -14.91 -21.05 -0.72
CA LYS A 202 -13.51 -21.07 -0.32
C LYS A 202 -12.65 -20.15 -1.19
N LEU A 203 -13.03 -19.93 -2.45
CA LEU A 203 -12.27 -19.04 -3.30
C LEU A 203 -12.28 -17.61 -2.76
N GLY A 204 -13.43 -17.17 -2.22
CA GLY A 204 -13.50 -15.83 -1.68
C GLY A 204 -12.64 -15.64 -0.45
N GLU A 205 -12.54 -16.68 0.40
CA GLU A 205 -11.82 -16.55 1.66
C GLU A 205 -10.33 -16.28 1.43
N ARG A 206 -9.71 -17.06 0.53
CA ARG A 206 -8.28 -16.89 0.29
C ARG A 206 -7.97 -15.52 -0.29
N PHE A 207 -8.83 -15.02 -1.17
CA PHE A 207 -8.64 -13.69 -1.74
C PHE A 207 -8.61 -12.63 -0.66
N VAL A 208 -9.59 -12.66 0.24
CA VAL A 208 -9.65 -11.68 1.32
C VAL A 208 -8.44 -11.82 2.24
N PHE A 209 -8.06 -13.06 2.56
CA PHE A 209 -6.91 -13.29 3.44
C PHE A 209 -5.65 -12.67 2.84
N GLY A 210 -5.35 -13.00 1.58
CA GLY A 210 -4.15 -12.47 0.95
C GLY A 210 -4.18 -10.96 0.83
N LEU A 211 -5.34 -10.41 0.46
CA LEU A 211 -5.43 -8.96 0.30
C LEU A 211 -5.22 -8.24 1.63
N THR A 212 -5.80 -8.78 2.71
CA THR A 212 -5.60 -8.19 4.03
C THR A 212 -4.14 -8.23 4.43
N ILE A 213 -3.46 -9.37 4.21
CA ILE A 213 -2.05 -9.48 4.56
C ILE A 213 -1.23 -8.44 3.79
N LEU A 214 -1.49 -8.33 2.48
CA LEU A 214 -0.74 -7.39 1.66
C LEU A 214 -0.96 -5.95 2.12
N LEU A 215 -2.21 -5.58 2.39
CA LEU A 215 -2.50 -4.21 2.80
C LEU A 215 -1.86 -3.88 4.14
N VAL A 216 -1.92 -4.81 5.10
CA VAL A 216 -1.32 -4.55 6.40
C VAL A 216 0.19 -4.37 6.26
N LEU A 217 0.83 -5.22 5.46
CA LEU A 217 2.27 -5.09 5.24
C LEU A 217 2.61 -3.74 4.60
N THR A 218 1.81 -3.32 3.61
CA THR A 218 2.07 -2.05 2.96
C THR A 218 1.95 -0.89 3.94
N LEU A 219 0.91 -0.89 4.77
CA LEU A 219 0.74 0.18 5.74
C LEU A 219 1.92 0.24 6.71
N LEU A 220 2.32 -0.91 7.24
CA LEU A 220 3.42 -0.94 8.19
C LEU A 220 4.70 -0.39 7.56
N LEU A 221 5.02 -0.86 6.34
CA LEU A 221 6.24 -0.40 5.68
C LEU A 221 6.21 1.09 5.41
N VAL A 222 5.07 1.61 4.94
CA VAL A 222 5.00 3.04 4.61
C VAL A 222 5.22 3.89 5.86
N VAL A 223 4.51 3.56 6.94
CA VAL A 223 4.65 4.34 8.17
C VAL A 223 6.08 4.27 8.69
N GLY A 224 6.65 3.07 8.71
CA GLY A 224 8.00 2.92 9.23
C GLY A 224 9.01 3.72 8.44
N ASN A 225 8.95 3.64 7.11
CA ASN A 225 9.92 4.35 6.29
C ASN A 225 9.78 5.86 6.41
N THR A 226 8.54 6.38 6.42
CA THR A 226 8.38 7.82 6.52
C THR A 226 8.91 8.34 7.85
N ILE A 227 8.58 7.64 8.95
CA ILE A 227 9.07 8.08 10.26
C ILE A 227 10.59 7.97 10.32
N ARG A 228 11.15 6.90 9.74
CA ARG A 228 12.60 6.75 9.74
C ARG A 228 13.28 7.89 9.00
N LEU A 229 12.71 8.31 7.87
CA LEU A 229 13.32 9.41 7.12
C LEU A 229 13.27 10.71 7.93
N HIS A 230 12.11 11.04 8.51
CA HIS A 230 12.04 12.26 9.30
C HIS A 230 12.99 12.23 10.49
N ILE A 231 13.14 11.06 11.12
CA ILE A 231 14.07 10.98 12.26
C ILE A 231 15.51 11.13 11.78
N GLU A 232 15.86 10.48 10.66
CA GLU A 232 17.20 10.59 10.12
C GLU A 232 17.54 12.02 9.74
N ASN A 233 16.53 12.83 9.41
CA ASN A 233 16.79 14.23 9.08
C ASN A 233 17.55 14.93 10.20
N ARG A 234 17.24 14.61 11.46
CA ARG A 234 17.89 15.23 12.62
C ARG A 234 18.86 14.23 13.24
N ARG A 235 20.15 14.54 13.11
CA ARG A 235 21.19 13.71 13.70
C ARG A 235 22.12 14.50 14.61
N ASN A 236 22.48 15.72 14.21
CA ASN A 236 23.40 16.54 14.98
C ASN A 236 22.84 16.83 16.37
N GLU A 237 21.52 16.98 16.49
CA GLU A 237 20.90 17.19 17.80
C GLU A 237 21.18 16.01 18.71
N ILE A 238 20.97 14.78 18.23
CA ILE A 238 21.22 13.61 19.05
C ILE A 238 22.70 13.51 19.41
N GLU A 239 23.57 13.78 18.44
CA GLU A 239 25.01 13.72 18.71
C GLU A 239 25.41 14.68 19.82
N VAL A 240 24.96 15.94 19.75
CA VAL A 240 25.36 16.91 20.76
C VAL A 240 24.73 16.59 22.10
N ILE A 241 23.45 16.17 22.11
CA ILE A 241 22.79 15.86 23.37
C ILE A 241 23.48 14.70 24.07
N LYS A 242 23.93 13.70 23.30
CA LYS A 242 24.63 12.58 23.93
C LYS A 242 26.06 12.93 24.32
N LEU A 243 26.72 13.82 23.58
CA LEU A 243 28.07 14.23 23.95
C LEU A 243 28.09 14.92 25.30
N VAL A 244 27.13 15.81 25.54
CA VAL A 244 26.98 16.40 26.85
C VAL A 244 26.18 15.45 27.74
N GLY A 245 26.30 15.63 29.05
CA GLY A 245 25.56 14.81 29.98
C GLY A 245 24.06 14.87 29.76
N GLY A 246 23.49 13.78 29.28
CA GLY A 246 22.06 13.69 29.01
C GLY A 246 21.50 12.39 29.54
N THR A 247 20.43 11.94 28.90
CA THR A 247 19.81 10.66 29.22
C THR A 247 18.90 10.28 28.06
N ASP A 248 18.45 9.02 28.07
CA ASP A 248 17.66 8.50 26.95
C ASP A 248 16.33 9.22 26.83
N GLY A 249 15.64 9.44 27.95
CA GLY A 249 14.34 10.10 27.89
C GLY A 249 14.43 11.52 27.37
N TYR A 250 15.42 12.28 27.84
CA TYR A 250 15.55 13.67 27.47
C TYR A 250 15.93 13.87 26.01
N VAL A 251 16.44 12.83 25.35
CA VAL A 251 16.71 12.91 23.92
C VAL A 251 15.62 12.22 23.09
N ARG A 252 14.79 11.40 23.73
CA ARG A 252 13.77 10.65 23.01
C ARG A 252 12.39 11.29 23.04
N ARG A 253 12.11 12.15 24.02
CA ARG A 253 10.75 12.68 24.17
C ARG A 253 10.28 13.50 22.97
N PRO A 254 11.02 14.50 22.46
CA PRO A 254 10.48 15.30 21.35
C PRO A 254 10.13 14.48 20.12
N PHE A 255 10.94 13.47 19.80
CA PHE A 255 10.63 12.61 18.65
C PHE A 255 9.35 11.83 18.88
N LEU A 256 9.13 11.37 20.11
CA LEU A 256 7.87 10.70 20.44
C LEU A 256 6.69 11.63 20.23
N TYR A 257 6.80 12.88 20.68
CA TYR A 257 5.70 13.82 20.48
C TYR A 257 5.46 14.09 19.01
N MET A 258 6.53 14.22 18.22
CA MET A 258 6.36 14.44 16.79
C MET A 258 5.67 13.26 16.12
N GLY A 259 6.06 12.04 16.49
CA GLY A 259 5.41 10.86 15.95
C GLY A 259 3.93 10.80 16.32
N ALA A 260 3.61 11.13 17.56
CA ALA A 260 2.22 11.14 17.99
C ALA A 260 1.41 12.15 17.21
N LEU A 261 1.97 13.35 16.99
CA LEU A 261 1.25 14.37 16.23
C LEU A 261 1.02 13.92 14.79
N TYR A 262 2.03 13.34 14.14
CA TYR A 262 1.82 12.84 12.79
C TYR A 262 0.77 11.74 12.76
N GLY A 263 0.78 10.86 13.75
CA GLY A 263 -0.25 9.83 13.80
C GLY A 263 -1.66 10.40 13.93
N LEU A 264 -1.83 11.38 14.81
CA LEU A 264 -3.15 12.00 14.98
C LEU A 264 -3.59 12.71 13.71
N GLY A 265 -2.67 13.42 13.05
CA GLY A 265 -3.03 14.07 11.80
C GLY A 265 -3.44 13.08 10.74
N ALA A 266 -2.71 11.97 10.62
CA ALA A 266 -3.07 10.94 9.65
C ALA A 266 -4.44 10.34 9.97
N GLY A 267 -4.71 10.11 11.25
CA GLY A 267 -6.01 9.55 11.62
C GLY A 267 -7.15 10.48 11.27
N ILE A 268 -7.01 11.77 11.58
CA ILE A 268 -8.06 12.73 11.27
C ILE A 268 -8.26 12.84 9.76
N LEU A 269 -7.17 12.88 9.00
CA LEU A 269 -7.31 12.96 7.55
C LEU A 269 -7.98 11.73 6.98
N SER A 270 -7.62 10.55 7.46
CA SER A 270 -8.22 9.31 6.96
C SER A 270 -9.70 9.24 7.31
N TRP A 271 -10.07 9.59 8.53
CA TRP A 271 -11.45 9.47 8.96
C TRP A 271 -12.39 10.42 8.25
N ALA A 272 -11.88 11.47 7.61
CA ALA A 272 -12.72 12.42 6.90
C ALA A 272 -12.79 12.16 5.40
N LEU A 273 -12.16 11.09 4.93
CA LEU A 273 -12.18 10.73 3.52
C LEU A 273 -12.93 9.44 3.23
N LEU A 274 -12.87 8.48 4.15
CA LEU A 274 -13.55 7.21 3.94
C LEU A 274 -15.07 7.40 3.91
N ALA A 275 -15.58 8.32 4.74
CA ALA A 275 -17.01 8.57 4.77
C ALA A 275 -17.50 9.08 3.42
N TYR A 276 -16.75 9.99 2.79
CA TYR A 276 -17.12 10.49 1.48
C TYR A 276 -17.11 9.40 0.43
N SER A 277 -16.11 8.51 0.45
CA SER A 277 -16.07 7.42 -0.51
C SER A 277 -17.26 6.50 -0.34
N LEU A 278 -17.61 6.15 0.90
CA LEU A 278 -18.76 5.29 1.12
C LEU A 278 -20.06 5.98 0.70
N ASN A 279 -20.19 7.29 0.97
CA ASN A 279 -21.38 8.00 0.53
C ASN A 279 -21.49 8.03 -0.98
N TRP A 280 -20.37 8.22 -1.67
CA TRP A 280 -20.40 8.21 -3.14
C TRP A 280 -20.77 6.83 -3.67
N LEU A 281 -20.23 5.77 -3.06
CA LEU A 281 -20.54 4.43 -3.54
C LEU A 281 -21.96 4.00 -3.21
N ASN A 282 -22.55 4.57 -2.15
CA ASN A 282 -23.91 4.21 -1.74
C ASN A 282 -24.96 4.56 -2.79
N GLY A 283 -24.64 5.42 -3.74
CA GLY A 283 -25.64 5.82 -4.72
C GLY A 283 -26.07 4.70 -5.65
N SER A 284 -25.24 3.66 -5.79
CA SER A 284 -25.54 2.57 -6.71
C SER A 284 -26.16 1.37 -6.00
N VAL A 285 -25.72 1.06 -4.78
CA VAL A 285 -26.20 -0.14 -4.10
C VAL A 285 -27.67 -0.03 -3.75
N VAL A 286 -28.17 1.18 -3.51
CA VAL A 286 -29.57 1.36 -3.13
C VAL A 286 -30.48 0.94 -4.28
N ASN A 287 -30.07 1.18 -5.52
CA ASN A 287 -30.88 0.79 -6.67
C ASN A 287 -31.06 -0.72 -6.73
N LEU A 288 -29.95 -1.47 -6.59
CA LEU A 288 -30.04 -2.93 -6.59
C LEU A 288 -30.85 -3.43 -5.41
N SER A 289 -30.68 -2.83 -4.24
CA SER A 289 -31.45 -3.24 -3.07
C SER A 289 -32.94 -3.02 -3.31
N GLY A 290 -33.30 -1.89 -3.95
CA GLY A 290 -34.69 -1.66 -4.27
C GLY A 290 -35.24 -2.65 -5.28
N LEU A 291 -34.42 -3.02 -6.26
CA LEU A 291 -34.85 -4.02 -7.24
C LEU A 291 -35.13 -5.36 -6.57
N TYR A 292 -34.26 -5.77 -5.64
CA TYR A 292 -34.60 -6.95 -4.83
C TYR A 292 -35.78 -6.71 -3.89
N GLY A 293 -36.10 -5.45 -3.60
CA GLY A 293 -37.23 -5.15 -2.74
C GLY A 293 -36.87 -5.11 -1.26
N SER A 294 -35.80 -4.38 -0.94
CA SER A 294 -35.37 -4.25 0.45
C SER A 294 -34.49 -3.01 0.54
N ASP A 295 -34.24 -2.58 1.79
CA ASP A 295 -33.41 -1.43 2.07
C ASP A 295 -32.09 -1.92 2.66
N PHE A 296 -30.99 -1.63 1.97
CA PHE A 296 -29.66 -2.04 2.40
C PHE A 296 -28.70 -0.87 2.24
N GLY A 297 -29.09 0.30 2.76
CA GLY A 297 -28.24 1.47 2.69
C GLY A 297 -26.90 1.27 3.38
N LEU A 298 -25.82 1.63 2.70
CA LEU A 298 -24.48 1.46 3.26
C LEU A 298 -24.20 2.54 4.28
N GLN A 299 -24.49 2.26 5.55
CA GLN A 299 -24.14 3.15 6.64
C GLN A 299 -22.70 2.89 7.05
N GLY A 300 -21.95 3.96 7.32
CA GLY A 300 -20.54 3.84 7.58
C GLY A 300 -20.08 4.77 8.69
N VAL A 301 -18.79 4.67 8.99
CA VAL A 301 -18.05 5.46 9.98
C VAL A 301 -18.88 5.78 11.23
N PRO A 302 -19.23 4.79 12.05
CA PRO A 302 -19.70 5.11 13.40
C PRO A 302 -18.59 5.71 14.23
N LEU A 303 -18.97 6.53 15.22
CA LEU A 303 -17.98 7.27 15.99
C LEU A 303 -17.00 6.36 16.70
N ASP A 304 -17.45 5.18 17.14
CA ASP A 304 -16.54 4.23 17.78
C ASP A 304 -15.42 3.80 16.83
N ASP A 305 -15.77 3.53 15.57
CA ASP A 305 -14.75 3.16 14.60
C ASP A 305 -13.78 4.29 14.33
N GLY A 306 -14.27 5.53 14.27
CA GLY A 306 -13.36 6.65 14.08
C GLY A 306 -12.40 6.82 15.24
N LEU A 307 -12.90 6.66 16.47
CA LEU A 307 -12.02 6.72 17.64
C LEU A 307 -10.97 5.62 17.59
N SER A 308 -11.39 4.39 17.24
CA SER A 308 -10.43 3.30 17.10
C SER A 308 -9.38 3.62 16.04
N LEU A 309 -9.81 4.18 14.91
CA LEU A 309 -8.90 4.49 13.83
C LEU A 309 -7.85 5.52 14.25
N THR A 310 -8.30 6.62 14.86
CA THR A 310 -7.35 7.65 15.25
C THR A 310 -6.41 7.16 16.35
N VAL A 311 -6.92 6.36 17.29
CA VAL A 311 -6.05 5.81 18.33
C VAL A 311 -5.00 4.90 17.71
N GLY A 312 -5.41 4.06 16.76
CA GLY A 312 -4.45 3.19 16.11
C GLY A 312 -3.38 3.95 15.35
N ALA A 313 -3.78 5.02 14.66
CA ALA A 313 -2.79 5.83 13.94
C ALA A 313 -1.80 6.47 14.90
N VAL A 314 -2.29 7.02 16.02
CA VAL A 314 -1.39 7.64 17.00
C VAL A 314 -0.43 6.60 17.55
N LEU A 315 -0.94 5.43 17.90
CA LEU A 315 -0.07 4.39 18.47
C LEU A 315 0.98 3.92 17.47
N LEU A 316 0.60 3.78 16.20
CA LEU A 316 1.55 3.36 15.19
C LEU A 316 2.67 4.39 15.02
N GLY A 317 2.31 5.67 14.95
CA GLY A 317 3.34 6.69 14.87
C GLY A 317 4.26 6.70 16.07
N TRP A 318 3.67 6.54 17.26
CA TRP A 318 4.45 6.51 18.50
C TRP A 318 5.42 5.34 18.56
N VAL A 319 5.03 4.17 18.04
CA VAL A 319 5.95 3.03 18.00
C VAL A 319 7.05 3.24 16.96
N GLY A 320 6.68 3.78 15.79
CA GLY A 320 7.69 4.01 14.76
C GLY A 320 8.76 4.98 15.22
N ALA A 321 8.36 6.06 15.92
CA ALA A 321 9.35 7.00 16.41
C ALA A 321 10.31 6.35 17.39
N TRP A 322 9.78 5.52 18.30
CA TRP A 322 10.62 4.86 19.29
C TRP A 322 11.57 3.84 18.66
N LEU A 323 11.17 3.21 17.56
CA LEU A 323 12.12 2.33 16.86
C LEU A 323 13.21 3.14 16.16
N ALA A 324 12.82 4.21 15.47
CA ALA A 324 13.79 5.00 14.73
C ALA A 324 14.82 5.63 15.65
N VAL A 325 14.39 6.17 16.79
CA VAL A 325 15.34 6.77 17.72
C VAL A 325 16.26 5.71 18.30
N ALA A 326 15.71 4.53 18.61
CA ALA A 326 16.52 3.47 19.20
C ALA A 326 17.62 3.00 18.26
N ARG A 327 17.35 2.97 16.96
CA ARG A 327 18.39 2.57 16.01
C ARG A 327 19.59 3.50 16.09
N HIS A 328 19.35 4.82 15.97
CA HIS A 328 20.45 5.78 16.02
C HIS A 328 21.15 5.75 17.36
N LEU A 329 20.39 5.61 18.45
CA LEU A 329 21.00 5.56 19.77
C LEU A 329 21.90 4.34 19.92
N ARG A 330 21.50 3.20 19.36
CA ARG A 330 22.35 2.02 19.39
C ARG A 330 23.59 2.20 18.52
N GLU A 331 23.46 2.95 17.42
CA GLU A 331 24.62 3.15 16.54
C GLU A 331 25.74 3.93 17.25
N LEU A 332 25.41 4.72 18.27
CA LEU A 332 26.39 5.49 19.02
C LEU A 332 26.86 4.79 20.27
N ALA A 333 26.85 3.45 20.28
CA ALA A 333 27.31 2.72 21.44
C ALA A 333 28.81 2.92 21.64
N PRO A 334 29.28 2.91 22.88
CA PRO A 334 30.73 3.08 23.12
C PRO A 334 31.57 1.99 22.48
N ARG A 335 31.03 0.78 22.33
CA ARG A 335 31.73 -0.35 21.72
C ARG A 335 33.02 -0.68 22.47
N MET B 1 41.75 13.26 40.39
CA MET B 1 41.91 11.83 40.63
C MET B 1 42.02 11.05 39.33
N ILE B 2 42.53 11.71 38.28
CA ILE B 2 42.73 11.03 37.01
C ILE B 2 43.91 10.07 37.16
N ARG B 3 43.65 8.78 36.97
CA ARG B 3 44.66 7.74 37.19
C ARG B 3 44.74 6.83 35.97
N PHE B 4 45.96 6.56 35.53
CA PHE B 4 46.23 5.64 34.43
C PHE B 4 47.30 4.64 34.88
N GLU B 5 47.12 3.38 34.50
CA GLU B 5 48.05 2.31 34.87
C GLU B 5 48.27 1.42 33.64
N GLN B 6 49.28 1.77 32.84
CA GLN B 6 49.70 0.99 31.69
C GLN B 6 48.54 0.70 30.75
N VAL B 7 47.96 1.78 30.20
CA VAL B 7 46.85 1.67 29.28
C VAL B 7 47.39 1.56 27.86
N GLY B 8 46.69 0.78 27.04
CA GLY B 8 47.08 0.58 25.66
C GLY B 8 45.90 0.30 24.76
N LYS B 9 45.80 1.03 23.66
CA LYS B 9 44.66 0.92 22.76
C LYS B 9 45.16 0.76 21.33
N ARG B 10 44.50 -0.12 20.58
CA ARG B 10 44.90 -0.43 19.21
C ARG B 10 43.67 -0.49 18.31
N TYR B 11 43.74 0.20 17.18
CA TYR B 11 42.70 0.08 16.18
C TYR B 11 42.68 -1.33 15.59
N PRO B 12 41.51 -1.95 15.45
CA PRO B 12 41.47 -3.26 14.77
C PRO B 12 42.02 -3.23 13.36
N ASN B 13 41.83 -2.13 12.65
CA ASN B 13 42.34 -2.00 11.28
C ASN B 13 43.03 -0.68 10.99
N GLY B 14 42.84 0.36 11.80
CA GLY B 14 43.41 1.66 11.51
C GLY B 14 44.92 1.71 11.63
N HIS B 15 45.44 1.58 12.86
CA HIS B 15 46.87 1.59 13.10
C HIS B 15 47.13 0.95 14.46
N VAL B 16 48.35 1.14 14.97
CA VAL B 16 48.78 0.42 16.16
C VAL B 16 48.37 1.15 17.45
N GLY B 17 48.43 2.47 17.47
CA GLY B 17 47.86 3.24 18.57
C GLY B 17 48.77 3.50 19.76
N LEU B 18 48.16 3.57 20.95
CA LEU B 18 48.80 4.05 22.17
C LEU B 18 49.14 2.88 23.10
N HIS B 19 50.18 3.07 23.91
CA HIS B 19 50.71 1.98 24.74
C HIS B 19 51.24 2.49 26.07
N GLU B 20 50.86 1.78 27.14
CA GLU B 20 51.51 1.84 28.45
C GLU B 20 51.78 3.29 28.90
N VAL B 21 50.69 4.02 29.09
CA VAL B 21 50.71 5.39 29.56
C VAL B 21 50.11 5.44 30.95
N SER B 22 50.79 6.11 31.87
CA SER B 22 50.37 6.14 33.26
C SER B 22 50.62 7.51 33.87
N PHE B 23 49.78 7.88 34.84
CA PHE B 23 49.94 9.11 35.61
C PHE B 23 49.67 8.84 37.08
N ARG B 24 49.53 9.88 37.88
CA ARG B 24 49.25 9.76 39.31
C ARG B 24 48.01 10.57 39.66
N VAL B 25 47.61 10.50 40.93
CA VAL B 25 46.42 11.19 41.40
C VAL B 25 46.72 12.67 41.58
N HIS B 26 45.69 13.50 41.38
CA HIS B 26 45.82 14.95 41.51
C HIS B 26 44.43 15.55 41.66
N ARG B 27 44.39 16.78 42.16
CA ARG B 27 43.13 17.49 42.33
C ARG B 27 43.36 18.98 42.30
N GLY B 28 42.59 19.69 41.46
CA GLY B 28 42.55 21.13 41.47
C GLY B 28 43.84 21.85 41.13
N GLU B 29 44.52 21.41 40.07
CA GLU B 29 45.70 22.13 39.61
C GLU B 29 45.92 21.81 38.14
N ILE B 30 46.57 22.75 37.44
CA ILE B 30 46.83 22.59 36.02
C ILE B 30 47.82 21.46 35.80
N LEU B 31 47.61 20.70 34.71
CA LEU B 31 48.49 19.59 34.38
C LEU B 31 48.43 19.39 32.86
N PHE B 32 49.45 19.86 32.16
CA PHE B 32 49.54 19.63 30.73
C PHE B 32 49.83 18.16 30.45
N VAL B 33 49.39 17.70 29.28
CA VAL B 33 49.61 16.31 28.86
C VAL B 33 50.12 16.33 27.43
N THR B 34 49.99 17.48 26.77
CA THR B 34 50.13 17.55 25.31
C THR B 34 51.48 17.01 24.83
N GLY B 35 52.57 17.42 25.45
CA GLY B 35 53.88 16.99 24.99
C GLY B 35 54.07 17.33 23.52
N HIS B 36 54.34 16.31 22.72
CA HIS B 36 54.42 16.43 21.27
C HIS B 36 53.14 15.87 20.66
N SER B 37 52.48 16.68 19.85
CA SER B 37 51.19 16.33 19.26
C SER B 37 51.30 16.09 17.76
N GLY B 38 52.37 15.43 17.33
CA GLY B 38 52.53 15.12 15.92
C GLY B 38 51.42 14.24 15.38
N ALA B 39 51.02 13.24 16.16
CA ALA B 39 49.89 12.39 15.83
C ALA B 39 48.64 12.87 16.57
N GLY B 40 47.49 12.35 16.14
CA GLY B 40 46.23 12.71 16.77
C GLY B 40 46.18 12.34 18.24
N LYS B 41 46.23 13.34 19.11
CA LYS B 41 46.20 13.13 20.55
C LYS B 41 44.80 13.18 21.13
N SER B 42 43.77 13.31 20.28
CA SER B 42 42.40 13.29 20.76
C SER B 42 41.96 11.92 21.25
N THR B 43 42.78 10.89 21.02
CA THR B 43 42.43 9.55 21.51
C THR B 43 42.33 9.53 23.02
N LEU B 44 43.27 10.18 23.71
CA LEU B 44 43.22 10.22 25.16
C LEU B 44 41.98 10.98 25.66
N LEU B 45 41.67 12.11 25.03
CA LEU B 45 40.50 12.88 25.43
C LEU B 45 39.22 12.08 25.22
N ARG B 46 39.12 11.37 24.09
CA ARG B 46 37.97 10.50 23.86
C ARG B 46 37.92 9.38 24.89
N LEU B 47 39.08 8.88 25.30
CA LEU B 47 39.12 7.79 26.27
C LEU B 47 38.67 8.26 27.65
N ILE B 48 38.93 9.53 28.00
CA ILE B 48 38.48 10.05 29.29
C ILE B 48 36.96 10.04 29.36
N LEU B 49 36.29 10.48 28.30
CA LEU B 49 34.84 10.63 28.30
C LEU B 49 34.09 9.31 28.20
N ALA B 50 34.76 8.16 28.34
CA ALA B 50 34.12 6.85 28.27
C ALA B 50 33.41 6.63 26.93
N MET B 51 33.84 7.36 25.89
CA MET B 51 33.28 7.17 24.57
C MET B 51 33.82 5.91 23.90
N GLU B 52 35.04 5.51 24.24
CA GLU B 52 35.66 4.32 23.67
C GLU B 52 36.42 3.59 24.76
N ARG B 53 36.07 2.33 24.99
CA ARG B 53 36.67 1.57 26.06
C ARG B 53 38.10 1.18 25.70
N PRO B 54 39.01 1.15 26.68
CA PRO B 54 40.41 0.83 26.38
C PRO B 54 40.59 -0.62 25.94
N THR B 55 41.57 -0.83 25.06
CA THR B 55 41.87 -2.18 24.60
C THR B 55 42.59 -2.99 25.66
N SER B 56 43.55 -2.37 26.35
CA SER B 56 44.33 -3.06 27.36
C SER B 56 44.66 -2.11 28.50
N GLY B 57 44.95 -2.67 29.66
CA GLY B 57 45.24 -1.89 30.85
C GLY B 57 43.99 -1.57 31.64
N LYS B 58 44.21 -0.91 32.77
CA LYS B 58 43.12 -0.52 33.67
C LYS B 58 43.27 0.94 34.05
N LEU B 59 42.14 1.59 34.34
CA LEU B 59 42.15 2.99 34.75
C LEU B 59 40.92 3.26 35.60
N LEU B 60 40.95 4.39 36.28
CA LEU B 60 39.84 4.86 37.10
C LEU B 60 40.05 6.34 37.41
N LEU B 61 38.96 7.11 37.34
CA LEU B 61 39.02 8.53 37.60
C LEU B 61 38.27 8.96 38.85
N GLY B 62 37.27 8.20 39.28
CA GLY B 62 36.55 8.50 40.50
C GLY B 62 36.31 7.25 41.33
N GLY B 63 37.24 6.29 41.24
CA GLY B 63 37.06 5.02 41.88
C GLY B 63 36.23 4.03 41.09
N GLN B 64 35.95 4.32 39.83
CA GLN B 64 35.12 3.47 38.98
C GLN B 64 35.97 2.89 37.87
N ASP B 65 35.84 1.59 37.65
CA ASP B 65 36.57 0.90 36.58
C ASP B 65 35.91 1.22 35.25
N LEU B 66 36.54 2.08 34.45
CA LEU B 66 35.97 2.43 33.15
C LEU B 66 35.90 1.23 32.22
N GLY B 67 36.73 0.22 32.42
CA GLY B 67 36.65 -0.97 31.60
C GLY B 67 35.32 -1.69 31.74
N ARG B 68 34.76 -1.68 32.95
CA ARG B 68 33.48 -2.30 33.24
C ARG B 68 32.50 -1.18 33.60
N ILE B 69 31.89 -0.59 32.58
CA ILE B 69 30.91 0.47 32.75
C ILE B 69 29.69 0.13 31.91
N THR B 70 28.50 0.36 32.47
CA THR B 70 27.26 0.05 31.78
C THR B 70 26.67 1.32 31.17
N THR B 71 26.00 1.15 30.03
CA THR B 71 25.38 2.28 29.34
C THR B 71 24.32 2.95 30.20
N ALA B 72 23.72 2.22 31.14
CA ALA B 72 22.71 2.82 32.01
C ALA B 72 23.32 3.92 32.87
N GLN B 73 24.52 3.70 33.40
CA GLN B 73 25.15 4.63 34.32
C GLN B 73 26.22 5.50 33.68
N ILE B 74 26.47 5.34 32.37
CA ILE B 74 27.46 6.19 31.70
C ILE B 74 27.06 7.67 31.69
N PRO B 75 25.80 8.06 31.44
CA PRO B 75 25.53 9.51 31.38
C PRO B 75 25.48 10.18 32.72
N PHE B 76 25.42 9.43 33.82
CA PHE B 76 25.54 10.02 35.14
C PHE B 76 26.97 10.45 35.46
N LEU B 77 27.94 10.01 34.65
CA LEU B 77 29.33 10.41 34.81
C LEU B 77 29.69 11.60 33.94
N ARG B 78 29.31 11.58 32.66
CA ARG B 78 29.60 12.64 31.70
C ARG B 78 28.85 13.92 32.00
N ARG B 79 28.11 14.01 33.09
CA ARG B 79 27.29 15.18 33.41
C ARG B 79 28.06 16.25 34.18
N GLN B 80 29.29 15.97 34.63
CA GLN B 80 30.05 16.89 35.46
C GLN B 80 31.45 17.12 34.92
N ILE B 81 31.64 17.00 33.61
CA ILE B 81 32.93 17.26 32.96
C ILE B 81 32.67 18.15 31.77
N GLY B 82 32.90 19.45 31.93
CA GLY B 82 32.85 20.35 30.80
C GLY B 82 33.94 20.02 29.81
N VAL B 83 33.58 19.89 28.53
CA VAL B 83 34.50 19.42 27.51
C VAL B 83 34.38 20.32 26.28
N VAL B 84 35.51 20.75 25.75
CA VAL B 84 35.58 21.47 24.48
C VAL B 84 36.49 20.70 23.55
N PHE B 85 36.03 20.46 22.32
CA PHE B 85 36.80 19.75 21.31
C PHE B 85 37.40 20.74 20.31
N GLN B 86 38.04 20.21 19.28
CA GLN B 86 38.63 21.01 18.22
C GLN B 86 37.62 21.35 17.13
N ASN B 87 37.09 20.32 16.47
CA ASN B 87 36.05 20.51 15.45
C ASN B 87 34.71 20.55 16.17
N HIS B 88 34.47 21.65 16.87
CA HIS B 88 33.28 21.80 17.68
C HIS B 88 32.02 21.80 16.82
N GLN B 89 30.95 21.22 17.34
CA GLN B 89 29.65 21.18 16.68
C GLN B 89 28.60 21.77 17.60
N LEU B 90 27.66 22.51 17.01
CA LEU B 90 26.63 23.22 17.75
C LEU B 90 25.27 22.96 17.14
N LEU B 91 24.22 23.18 17.94
CA LEU B 91 22.86 22.99 17.46
C LEU B 91 22.47 24.10 16.51
N THR B 92 22.58 23.86 15.21
CA THR B 92 22.12 24.82 14.23
C THR B 92 20.60 24.95 14.28
N ASP B 93 20.10 26.09 13.85
CA ASP B 93 18.67 26.40 13.85
C ASP B 93 18.10 26.47 15.27
N ARG B 94 18.94 26.85 16.23
CA ARG B 94 18.50 27.15 17.59
C ARG B 94 19.29 28.35 18.09
N THR B 95 18.62 29.22 18.83
CA THR B 95 19.23 30.47 19.24
C THR B 95 20.44 30.22 20.14
N VAL B 96 21.42 31.12 20.07
CA VAL B 96 22.67 30.94 20.79
C VAL B 96 22.43 30.96 22.30
N ALA B 97 21.46 31.73 22.77
CA ALA B 97 21.16 31.75 24.19
C ALA B 97 20.70 30.38 24.68
N ASP B 98 19.85 29.71 23.92
CA ASP B 98 19.44 28.35 24.28
C ASP B 98 20.51 27.33 23.96
N ASN B 99 21.30 27.56 22.90
CA ASN B 99 22.36 26.62 22.54
C ASN B 99 23.37 26.47 23.67
N ILE B 100 23.82 27.60 24.22
CA ILE B 100 24.66 27.60 25.42
C ILE B 100 23.73 27.41 26.60
N ALA B 101 24.29 27.10 27.76
CA ALA B 101 23.55 26.78 28.99
C ALA B 101 22.68 25.54 28.83
N LEU B 102 22.96 24.72 27.82
CA LEU B 102 22.22 23.46 27.66
C LEU B 102 22.35 22.52 28.85
N PRO B 103 23.54 22.27 29.41
CA PRO B 103 23.62 21.31 30.53
C PRO B 103 22.77 21.70 31.73
N LEU B 104 22.46 22.99 31.90
CA LEU B 104 21.64 23.41 33.02
C LEU B 104 20.24 22.81 32.93
N GLN B 105 19.67 22.74 31.72
CA GLN B 105 18.34 22.17 31.57
C GLN B 105 18.33 20.69 31.95
N ILE B 106 19.37 19.95 31.57
CA ILE B 106 19.47 18.55 31.99
C ILE B 106 19.61 18.47 33.51
N LEU B 107 20.45 19.33 34.09
CA LEU B 107 20.63 19.31 35.54
C LEU B 107 19.32 19.59 36.27
N GLY B 108 18.58 20.61 35.83
CA GLY B 108 17.28 20.91 36.38
C GLY B 108 17.31 22.04 37.39
N MET B 109 16.93 23.23 36.95
CA MET B 109 16.84 24.40 37.81
C MET B 109 15.63 25.23 37.40
N PRO B 110 15.11 26.05 38.30
CA PRO B 110 14.03 26.97 37.92
C PRO B 110 14.47 27.89 36.78
N LYS B 111 13.51 28.22 35.92
CA LYS B 111 13.80 29.00 34.72
C LYS B 111 14.37 30.38 34.99
N PRO B 112 13.83 31.19 35.92
CA PRO B 112 14.25 32.60 35.97
C PRO B 112 15.74 32.84 36.15
N GLU B 113 16.42 32.04 36.99
CA GLU B 113 17.83 32.30 37.24
C GLU B 113 18.74 31.73 36.17
N ILE B 114 18.23 30.86 35.30
CA ILE B 114 19.04 30.38 34.18
C ILE B 114 19.44 31.54 33.29
N ALA B 115 18.53 32.50 33.10
CA ALA B 115 18.82 33.67 32.28
C ALA B 115 19.99 34.46 32.84
N LYS B 116 19.98 34.74 34.15
CA LYS B 116 21.08 35.52 34.72
C LYS B 116 22.37 34.72 34.75
N ARG B 117 22.28 33.41 34.99
CA ARG B 117 23.48 32.57 34.98
C ARG B 117 24.13 32.57 33.61
N VAL B 118 23.34 32.38 32.55
CA VAL B 118 23.89 32.36 31.21
C VAL B 118 24.37 33.76 30.82
N ALA B 119 23.70 34.81 31.30
CA ALA B 119 24.17 36.16 31.02
C ALA B 119 25.54 36.40 31.62
N SER B 120 25.75 35.98 32.87
CA SER B 120 27.07 36.09 33.48
C SER B 120 28.09 35.25 32.73
N ALA B 121 27.71 34.04 32.32
CA ALA B 121 28.64 33.16 31.63
C ALA B 121 29.09 33.78 30.30
N LEU B 122 28.15 34.34 29.54
CA LEU B 122 28.52 34.96 28.28
C LEU B 122 29.24 36.29 28.49
N GLU B 123 28.99 36.97 29.61
CA GLU B 123 29.73 38.18 29.92
C GLU B 123 31.17 37.87 30.29
N ARG B 124 31.43 36.69 30.85
CA ARG B 124 32.79 36.29 31.14
C ARG B 124 33.63 36.26 29.86
N VAL B 125 33.07 35.73 28.78
CA VAL B 125 33.74 35.79 27.49
C VAL B 125 33.51 37.16 26.86
N ASN B 126 34.48 37.59 26.04
CA ASN B 126 34.44 38.94 25.48
C ASN B 126 33.22 39.18 24.60
N LEU B 127 32.57 38.14 24.11
CA LEU B 127 31.40 38.32 23.25
C LEU B 127 30.24 38.89 24.05
N LYS B 128 29.44 39.74 23.39
CA LYS B 128 28.31 40.39 24.03
C LYS B 128 27.36 40.85 22.92
N GLU B 129 26.17 41.29 23.31
CA GLU B 129 25.14 41.91 22.47
C GLU B 129 24.72 41.04 21.29
N LYS B 130 25.13 39.78 21.26
CA LYS B 130 24.74 38.84 20.21
C LYS B 130 24.15 37.59 20.84
N GLY B 131 23.25 37.78 21.80
CA GLY B 131 22.61 36.69 22.51
C GLY B 131 21.39 36.11 21.84
N GLU B 132 21.05 36.56 20.63
CA GLU B 132 19.90 36.03 19.92
C GLU B 132 20.18 35.61 18.49
N ALA B 133 21.34 35.95 17.93
CA ALA B 133 21.65 35.55 16.57
C ALA B 133 21.90 34.06 16.48
N LEU B 134 21.56 33.48 15.33
CA LEU B 134 21.77 32.06 15.10
C LEU B 134 23.26 31.76 14.97
N PRO B 135 23.66 30.51 15.24
CA PRO B 135 25.07 30.14 15.00
C PRO B 135 25.51 30.39 13.57
N SER B 136 24.63 30.17 12.60
CA SER B 136 24.93 30.55 11.23
C SER B 136 24.96 32.06 11.09
N ASP B 137 25.75 32.55 10.13
CA ASP B 137 26.02 33.96 9.88
C ASP B 137 26.82 34.61 11.01
N LEU B 138 27.18 33.86 12.05
CA LEU B 138 28.03 34.36 13.11
C LEU B 138 29.49 34.17 12.72
N SER B 139 30.31 35.18 12.98
CA SER B 139 31.70 35.15 12.59
C SER B 139 32.44 34.01 13.30
N THR B 140 33.35 33.37 12.58
CA THR B 140 34.16 32.32 13.16
C THR B 140 35.08 32.88 14.24
N GLY B 141 35.42 32.04 15.19
CA GLY B 141 36.16 32.49 16.36
C GLY B 141 35.24 32.89 17.50
N GLN B 142 34.23 33.70 17.19
CA GLN B 142 33.20 33.99 18.19
C GLN B 142 32.38 32.74 18.49
N GLN B 143 32.04 31.97 17.46
CA GLN B 143 31.28 30.74 17.67
C GLN B 143 32.10 29.67 18.38
N GLN B 144 33.41 29.62 18.12
CA GLN B 144 34.24 28.70 18.91
C GLN B 144 34.36 29.19 20.35
N ARG B 145 34.29 30.50 20.58
CA ARG B 145 34.22 31.00 21.95
C ARG B 145 32.91 30.59 22.61
N VAL B 146 31.81 30.57 21.85
CA VAL B 146 30.55 30.05 22.37
C VAL B 146 30.71 28.58 22.74
N GLY B 147 31.37 27.81 21.88
CA GLY B 147 31.63 26.41 22.19
C GLY B 147 32.45 26.24 23.46
N ILE B 148 33.45 27.09 23.65
CA ILE B 148 34.23 27.07 24.89
C ILE B 148 33.36 27.38 26.08
N ALA B 149 32.51 28.41 25.97
CA ALA B 149 31.67 28.81 27.08
C ALA B 149 30.59 27.78 27.40
N ARG B 150 30.27 26.90 26.44
CA ARG B 150 29.32 25.83 26.73
C ARG B 150 29.76 24.96 27.91
N ALA B 151 31.06 24.80 28.09
CA ALA B 151 31.59 23.92 29.13
C ALA B 151 31.88 24.66 30.44
N ILE B 152 31.54 25.94 30.53
CA ILE B 152 31.89 26.75 31.69
C ILE B 152 30.66 27.33 32.40
N VAL B 153 29.46 27.17 31.84
CA VAL B 153 28.29 27.83 32.42
C VAL B 153 28.02 27.30 33.82
N HIS B 154 28.02 25.98 34.00
CA HIS B 154 27.81 25.39 35.30
C HIS B 154 29.14 25.32 36.04
N GLN B 155 29.17 24.58 37.16
CA GLN B 155 30.38 24.46 37.97
C GLN B 155 30.88 23.02 37.91
N PRO B 156 31.82 22.71 37.03
CA PRO B 156 32.32 21.33 36.92
C PRO B 156 33.52 21.09 37.81
N ALA B 157 33.70 19.82 38.15
CA ALA B 157 34.86 19.38 38.93
C ALA B 157 36.04 18.99 38.06
N LEU B 158 35.89 19.07 36.73
CA LEU B 158 36.97 18.71 35.82
C LEU B 158 36.70 19.38 34.49
N LEU B 159 37.76 19.85 33.85
CA LEU B 159 37.66 20.53 32.57
C LEU B 159 38.68 19.96 31.60
N LEU B 160 38.33 19.95 30.32
CA LEU B 160 39.17 19.38 29.28
C LEU B 160 39.25 20.33 28.10
N ALA B 161 40.33 20.21 27.33
CA ALA B 161 40.50 21.02 26.14
C ALA B 161 41.45 20.31 25.18
N ASP B 162 41.24 20.52 23.89
CA ASP B 162 42.05 19.88 22.86
C ASP B 162 43.11 20.82 22.29
N GLU B 163 42.70 21.97 21.76
CA GLU B 163 43.65 22.89 21.15
C GLU B 163 43.07 24.30 21.14
N PRO B 164 43.01 24.97 22.29
CA PRO B 164 42.56 26.37 22.29
C PRO B 164 43.66 27.29 21.75
N THR B 165 43.24 28.27 20.95
CA THR B 165 44.15 29.24 20.34
C THR B 165 45.28 28.55 19.57
N GLY B 166 44.93 27.51 18.82
CA GLY B 166 45.92 26.86 17.98
C GLY B 166 46.44 27.77 16.89
N ASN B 167 45.56 28.59 16.30
CA ASN B 167 45.96 29.52 15.26
C ASN B 167 45.27 30.86 15.43
N LEU B 168 44.89 31.21 16.65
CA LEU B 168 44.16 32.44 16.95
C LEU B 168 45.13 33.57 17.28
N ASP B 169 44.59 34.77 17.34
CA ASP B 169 45.39 35.94 17.69
C ASP B 169 45.99 35.72 19.08
N PRO B 170 47.33 35.82 19.23
CA PRO B 170 47.92 35.61 20.56
C PRO B 170 47.44 36.59 21.61
N ARG B 171 47.09 37.81 21.20
CA ARG B 171 46.56 38.78 22.14
C ARG B 171 45.26 38.28 22.77
N LEU B 172 44.38 37.68 21.96
CA LEU B 172 43.11 37.16 22.47
C LEU B 172 43.29 35.94 23.35
N ALA B 173 44.43 35.23 23.24
CA ALA B 173 44.64 34.04 24.05
C ALA B 173 44.73 34.37 25.53
N SER B 174 45.16 35.58 25.87
CA SER B 174 45.31 35.97 27.27
C SER B 174 43.97 35.93 28.00
N GLU B 175 42.89 36.33 27.32
CA GLU B 175 41.58 36.33 27.94
C GLU B 175 41.15 34.92 28.32
N ILE B 176 41.30 33.96 27.40
CA ILE B 176 40.87 32.61 27.71
C ILE B 176 41.80 31.97 28.74
N MET B 177 43.09 32.32 28.71
CA MET B 177 43.99 31.83 29.75
C MET B 177 43.57 32.36 31.12
N GLY B 178 43.18 33.63 31.19
CA GLY B 178 42.69 34.19 32.43
C GLY B 178 41.40 33.53 32.88
N VAL B 179 40.52 33.20 31.94
CA VAL B 179 39.28 32.50 32.28
C VAL B 179 39.60 31.12 32.87
N PHE B 180 40.54 30.40 32.25
CA PHE B 180 40.93 29.09 32.78
C PHE B 180 41.54 29.22 34.16
N GLU B 181 42.40 30.22 34.37
CA GLU B 181 42.99 30.42 35.69
C GLU B 181 41.92 30.75 36.72
N ASP B 182 40.95 31.60 36.36
CA ASP B 182 39.89 31.97 37.28
C ASP B 182 39.04 30.77 37.67
N ILE B 183 38.69 29.92 36.69
CA ILE B 183 37.95 28.72 37.04
C ILE B 183 38.82 27.74 37.81
N ASN B 184 40.15 27.84 37.67
CA ASN B 184 41.03 27.03 38.51
C ASN B 184 41.08 27.56 39.93
N ARG B 185 40.82 28.85 40.12
CA ARG B 185 40.83 29.42 41.47
C ARG B 185 39.79 28.76 42.36
N LEU B 186 38.58 28.54 41.82
CA LEU B 186 37.55 27.83 42.58
C LEU B 186 37.89 26.35 42.73
N GLY B 187 38.81 25.83 41.93
CA GLY B 187 39.23 24.44 41.99
C GLY B 187 38.62 23.60 40.89
N THR B 188 39.36 23.43 39.80
CA THR B 188 38.91 22.67 38.64
C THR B 188 40.14 22.06 37.98
N THR B 189 40.21 20.74 37.94
CA THR B 189 41.31 20.07 37.26
C THR B 189 41.26 20.39 35.76
N VAL B 190 42.41 20.76 35.21
CA VAL B 190 42.52 21.18 33.82
C VAL B 190 43.57 20.29 33.14
N LEU B 191 43.22 19.79 31.96
CA LEU B 191 44.12 18.96 31.16
C LEU B 191 44.23 19.56 29.75
N ILE B 192 44.46 20.88 29.71
CA ILE B 192 44.57 21.57 28.44
C ILE B 192 45.78 21.06 27.65
N ALA B 193 45.60 20.97 26.34
CA ALA B 193 46.65 20.52 25.43
C ALA B 193 46.84 21.56 24.34
N SER B 194 48.08 21.68 23.87
CA SER B 194 48.43 22.65 22.83
C SER B 194 49.77 22.23 22.22
N HIS B 195 50.31 23.07 21.33
CA HIS B 195 51.52 22.71 20.61
C HIS B 195 52.48 23.88 20.45
N ASP B 196 52.28 24.98 21.16
CA ASP B 196 53.14 26.15 21.07
C ASP B 196 54.10 26.12 22.26
N LEU B 197 55.40 25.98 21.96
CA LEU B 197 56.39 25.79 23.01
C LEU B 197 56.49 27.01 23.93
N ALA B 198 56.43 28.22 23.35
CA ALA B 198 56.63 29.43 24.14
C ALA B 198 55.56 29.57 25.22
N LEU B 199 54.31 29.31 24.88
CA LEU B 199 53.24 29.41 25.87
C LEU B 199 53.33 28.30 26.90
N ILE B 200 53.51 27.04 26.44
CA ILE B 200 53.55 25.92 27.36
C ILE B 200 54.75 25.96 28.28
N ALA B 201 55.76 26.77 27.95
CA ALA B 201 56.88 26.96 28.87
C ALA B 201 56.49 27.73 30.13
N ARG B 202 55.29 28.31 30.18
CA ARG B 202 54.86 29.17 31.26
C ARG B 202 53.62 28.58 31.95
N MET B 203 53.01 29.38 32.83
CA MET B 203 51.87 29.01 33.67
C MET B 203 52.16 27.80 34.57
N ARG B 204 53.43 27.52 34.85
CA ARG B 204 53.83 26.53 35.84
C ARG B 204 53.19 25.16 35.56
N HIS B 205 53.59 24.61 34.43
CA HIS B 205 53.02 23.36 33.92
C HIS B 205 53.56 22.16 34.69
N ARG B 206 53.01 20.99 34.37
CA ARG B 206 53.53 19.70 34.81
C ARG B 206 53.46 18.72 33.65
N MET B 207 53.85 19.15 32.46
CA MET B 207 53.55 18.40 31.25
C MET B 207 54.31 17.09 31.19
N LEU B 208 53.81 16.18 30.34
CA LEU B 208 54.49 14.96 29.97
C LEU B 208 54.48 14.82 28.46
N THR B 209 55.51 14.18 27.93
CA THR B 209 55.69 14.03 26.49
C THR B 209 55.35 12.61 26.08
N LEU B 210 54.51 12.47 25.05
CA LEU B 210 54.14 11.18 24.51
C LEU B 210 54.40 11.18 23.00
N GLN B 211 54.95 10.07 22.50
CA GLN B 211 55.20 9.91 21.09
C GLN B 211 55.24 8.41 20.77
N ARG B 212 54.76 8.06 19.59
CA ARG B 212 54.67 6.66 19.16
C ARG B 212 53.75 5.85 20.08
N GLY B 213 52.79 6.53 20.69
CA GLY B 213 51.83 5.86 21.56
C GLY B 213 52.33 5.57 22.96
N ARG B 214 53.53 6.01 23.31
CA ARG B 214 54.10 5.73 24.61
C ARG B 214 54.70 7.00 25.21
N ILE B 215 54.79 7.04 26.53
CA ILE B 215 55.40 8.17 27.22
C ILE B 215 56.89 8.17 26.94
N ILE B 216 57.41 9.30 26.46
CA ILE B 216 58.82 9.39 26.13
C ILE B 216 59.65 9.66 27.38
N ALA B 217 59.39 10.78 28.04
CA ALA B 217 60.13 11.16 29.24
C ALA B 217 59.28 12.16 30.02
N ASP B 218 59.82 12.61 31.15
CA ASP B 218 59.15 13.57 32.02
C ASP B 218 59.81 14.93 31.87
N ARG B 219 59.01 15.95 31.60
CA ARG B 219 59.48 17.33 31.48
C ARG B 219 58.80 18.13 32.59
N GLU B 220 59.43 18.13 33.77
CA GLU B 220 58.83 18.72 34.96
C GLU B 220 59.23 20.19 35.05
N ASP B 221 58.28 21.07 34.72
CA ASP B 221 58.43 22.52 34.88
C ASP B 221 59.66 23.04 34.14
N GLU B 222 59.63 22.88 32.82
CA GLU B 222 60.71 23.35 31.96
C GLU B 222 60.57 24.85 31.71
N SER C 35 32.52 15.86 -25.86
CA SER C 35 33.73 16.39 -25.25
C SER C 35 33.81 16.01 -23.77
N ALA C 36 33.50 16.95 -22.89
CA ALA C 36 33.50 16.72 -21.46
C ALA C 36 32.18 16.17 -20.94
N TYR C 37 31.18 16.02 -21.81
CA TYR C 37 29.87 15.51 -21.43
C TYR C 37 29.98 14.10 -20.86
N LEU C 38 30.71 13.23 -21.56
CA LEU C 38 30.83 11.83 -21.18
C LEU C 38 31.51 11.69 -19.82
N GLU C 39 32.54 12.50 -19.58
CA GLU C 39 33.28 12.41 -18.33
C GLU C 39 32.38 12.72 -17.13
N SER C 40 31.65 13.84 -17.21
CA SER C 40 30.74 14.21 -16.12
C SER C 40 29.62 13.19 -15.97
N HIS C 41 29.10 12.68 -17.09
CA HIS C 41 28.02 11.71 -17.03
C HIS C 41 28.49 10.43 -16.33
N ARG C 42 29.68 9.94 -16.69
CA ARG C 42 30.23 8.76 -16.04
C ARG C 42 30.50 9.02 -14.56
N ALA C 43 31.00 10.21 -14.23
CA ALA C 43 31.23 10.54 -12.82
C ALA C 43 29.92 10.50 -12.04
N SER C 44 28.85 11.06 -12.61
CA SER C 44 27.56 11.02 -11.93
C SER C 44 27.07 9.59 -11.74
N LEU C 45 27.23 8.75 -12.78
CA LEU C 45 26.80 7.36 -12.65
C LEU C 45 27.56 6.65 -11.55
N VAL C 46 28.88 6.84 -11.50
CA VAL C 46 29.70 6.18 -10.49
C VAL C 46 29.33 6.68 -9.09
N ASP C 47 29.09 7.99 -8.95
CA ASP C 47 28.69 8.52 -7.67
C ASP C 47 27.35 7.95 -7.21
N SER C 48 26.40 7.82 -8.13
CA SER C 48 25.10 7.25 -7.77
C SER C 48 25.25 5.80 -7.33
N LEU C 49 26.05 5.02 -8.05
CA LEU C 49 26.27 3.63 -7.64
C LEU C 49 26.94 3.54 -6.27
N ARG C 50 27.94 4.39 -6.02
CA ARG C 50 28.60 4.37 -4.72
C ARG C 50 27.64 4.73 -3.60
N ARG C 51 26.77 5.72 -3.84
CA ARG C 51 25.79 6.08 -2.82
C ARG C 51 24.80 4.95 -2.59
N LEU C 52 24.36 4.28 -3.65
CA LEU C 52 23.35 3.23 -3.49
C LEU C 52 23.93 2.01 -2.77
N PHE C 53 25.09 1.54 -3.19
CA PHE C 53 25.69 0.35 -2.60
C PHE C 53 26.48 0.66 -1.33
N GLY C 54 26.62 1.93 -0.97
CA GLY C 54 27.45 2.27 0.17
C GLY C 54 26.86 1.90 1.51
N HIS C 55 25.55 1.73 1.57
CA HIS C 55 24.84 1.45 2.82
C HIS C 55 23.93 0.24 2.66
N PRO C 56 24.47 -0.98 2.78
CA PRO C 56 23.60 -2.16 2.85
C PRO C 56 22.73 -2.11 4.09
N PHE C 57 21.65 -2.90 4.05
CA PHE C 57 20.59 -2.91 5.07
C PHE C 57 19.90 -1.57 5.18
N GLY C 58 20.24 -0.62 4.31
CA GLY C 58 19.56 0.65 4.20
C GLY C 58 19.42 0.95 2.73
N SER C 59 18.55 1.91 2.42
CA SER C 59 18.19 2.21 1.03
C SER C 59 17.64 0.98 0.32
N PHE C 60 17.25 -0.04 1.09
CA PHE C 60 16.56 -1.21 0.59
C PHE C 60 15.13 -1.30 1.07
N PHE C 61 14.84 -0.84 2.29
CA PHE C 61 13.46 -0.68 2.71
C PHE C 61 12.75 0.33 1.82
N THR C 62 13.45 1.39 1.43
CA THR C 62 12.91 2.31 0.44
C THR C 62 12.65 1.59 -0.88
N CYS C 63 13.61 0.79 -1.33
CA CYS C 63 13.49 0.07 -2.58
C CYS C 63 12.38 -0.97 -2.54
N LEU C 64 11.98 -1.42 -1.35
CA LEU C 64 10.91 -2.39 -1.23
C LEU C 64 9.54 -1.72 -1.07
N VAL C 65 9.49 -0.61 -0.33
CA VAL C 65 8.22 0.09 -0.17
C VAL C 65 7.81 0.76 -1.48
N MET C 66 8.78 1.24 -2.26
CA MET C 66 8.44 1.79 -3.57
C MET C 66 8.03 0.72 -4.56
N GLY C 67 8.26 -0.56 -4.25
CA GLY C 67 7.90 -1.64 -5.13
C GLY C 67 6.58 -2.31 -4.78
N ILE C 68 6.36 -2.55 -3.49
CA ILE C 68 5.13 -3.23 -3.08
C ILE C 68 3.91 -2.34 -3.35
N THR C 69 4.05 -1.03 -3.16
CA THR C 69 2.94 -0.13 -3.45
C THR C 69 2.68 -0.01 -4.94
N LEU C 70 3.60 -0.47 -5.78
CA LEU C 70 3.35 -0.58 -7.21
C LEU C 70 2.62 -1.87 -7.57
N SER C 71 2.67 -2.87 -6.70
CA SER C 71 1.96 -4.11 -6.96
C SER C 71 0.45 -3.92 -6.98
N LEU C 72 -0.07 -3.10 -6.06
CA LEU C 72 -1.52 -2.92 -5.96
C LEU C 72 -2.15 -2.34 -7.22
N PRO C 73 -1.66 -1.23 -7.79
CA PRO C 73 -2.35 -0.68 -8.98
C PRO C 73 -2.00 -1.45 -10.25
N MET C 74 -0.76 -1.93 -10.37
CA MET C 74 -0.43 -2.80 -11.49
C MET C 74 -1.13 -4.14 -11.36
N GLY C 75 -1.24 -4.66 -10.15
CA GLY C 75 -2.18 -5.73 -9.88
C GLY C 75 -3.61 -5.24 -10.06
N LEU C 76 -4.52 -6.19 -10.12
CA LEU C 76 -5.94 -5.97 -10.44
C LEU C 76 -6.11 -5.55 -11.89
N SER C 77 -5.02 -5.31 -12.62
CA SER C 77 -5.07 -5.15 -14.06
C SER C 77 -4.83 -6.46 -14.80
N LEU C 78 -3.94 -7.31 -14.28
CA LEU C 78 -3.85 -8.67 -14.78
C LEU C 78 -5.08 -9.48 -14.40
N LEU C 79 -5.58 -9.27 -13.18
CA LEU C 79 -6.79 -9.97 -12.76
C LEU C 79 -7.99 -9.57 -13.62
N LEU C 80 -8.11 -8.28 -13.94
CA LEU C 80 -9.19 -7.83 -14.82
C LEU C 80 -9.02 -8.40 -16.23
N ASN C 81 -7.78 -8.46 -16.72
CA ASN C 81 -7.55 -9.01 -18.05
C ASN C 81 -7.94 -10.49 -18.12
N ASN C 82 -7.59 -11.26 -17.08
CA ASN C 82 -7.92 -12.67 -17.07
C ASN C 82 -9.42 -12.90 -17.05
N VAL C 83 -10.15 -12.08 -16.28
CA VAL C 83 -11.60 -12.18 -16.27
C VAL C 83 -12.17 -11.80 -17.62
N GLU C 84 -11.67 -10.72 -18.23
CA GLU C 84 -12.14 -10.30 -19.54
C GLU C 84 -11.89 -11.35 -20.59
N ARG C 85 -10.83 -12.14 -20.45
CA ARG C 85 -10.58 -13.24 -21.38
C ARG C 85 -11.71 -14.26 -21.31
N LEU C 86 -12.26 -14.50 -20.12
CA LEU C 86 -13.37 -15.43 -19.94
C LEU C 86 -14.67 -14.67 -20.23
N GLY C 87 -14.96 -14.51 -21.52
CA GLY C 87 -16.12 -13.77 -21.96
C GLY C 87 -17.40 -14.54 -22.05
N GLY C 88 -17.38 -15.85 -21.78
CA GLY C 88 -18.56 -16.67 -21.88
C GLY C 88 -19.47 -16.67 -20.68
N SER C 89 -19.07 -16.03 -19.58
CA SER C 89 -19.91 -15.97 -18.39
C SER C 89 -20.80 -14.74 -18.36
N TRP C 90 -20.25 -13.59 -18.76
CA TRP C 90 -21.08 -12.39 -18.89
C TRP C 90 -22.16 -12.61 -19.95
N GLN C 91 -21.80 -13.26 -21.06
CA GLN C 91 -22.77 -13.69 -22.03
C GLN C 91 -23.32 -15.06 -21.64
N ARG C 92 -24.27 -15.57 -22.43
CA ARG C 92 -24.85 -16.90 -22.22
C ARG C 92 -25.46 -17.04 -20.83
N ALA C 93 -25.77 -15.92 -20.19
CA ALA C 93 -26.41 -15.92 -18.89
C ALA C 93 -27.89 -15.56 -18.95
N ALA C 94 -28.31 -14.79 -19.95
CA ALA C 94 -29.72 -14.49 -20.19
C ALA C 94 -30.01 -14.92 -21.63
N GLN C 95 -30.35 -16.20 -21.79
CA GLN C 95 -30.58 -16.78 -23.11
C GLN C 95 -32.07 -16.88 -23.38
N ILE C 96 -32.49 -16.33 -24.52
CA ILE C 96 -33.87 -16.50 -24.95
C ILE C 96 -34.06 -17.93 -25.43
N SER C 97 -35.09 -18.60 -24.93
CA SER C 97 -35.37 -19.98 -25.28
C SER C 97 -36.45 -20.00 -26.35
N LEU C 98 -36.07 -20.33 -27.57
CA LEU C 98 -37.00 -20.39 -28.69
C LEU C 98 -37.60 -21.79 -28.71
N PHE C 99 -38.74 -21.94 -28.02
CA PHE C 99 -39.32 -23.25 -27.77
C PHE C 99 -40.12 -23.65 -29.00
N LEU C 100 -39.51 -24.46 -29.87
CA LEU C 100 -40.05 -24.73 -31.19
C LEU C 100 -41.27 -25.66 -31.10
N ASP C 101 -42.04 -25.67 -32.20
CA ASP C 101 -43.28 -26.44 -32.27
C ASP C 101 -43.01 -27.94 -32.07
N LEU C 102 -44.07 -28.66 -31.71
CA LEU C 102 -43.94 -30.09 -31.43
C LEU C 102 -43.63 -30.89 -32.68
N LYS C 103 -44.32 -30.60 -33.78
CA LYS C 103 -44.19 -31.37 -35.01
C LYS C 103 -43.53 -30.50 -36.07
N THR C 104 -42.27 -30.78 -36.37
CA THR C 104 -41.53 -30.05 -37.39
C THR C 104 -40.39 -30.93 -37.88
N SER C 105 -40.17 -30.94 -39.19
CA SER C 105 -39.09 -31.73 -39.76
C SER C 105 -37.73 -31.18 -39.32
N GLU C 106 -36.76 -32.08 -39.19
CA GLU C 106 -35.45 -31.69 -38.64
C GLU C 106 -34.71 -30.75 -39.58
N ASN C 107 -34.81 -30.98 -40.90
CA ASN C 107 -34.12 -30.12 -41.84
C ASN C 107 -34.68 -28.71 -41.81
N GLN C 108 -36.00 -28.58 -41.64
CA GLN C 108 -36.61 -27.26 -41.48
C GLN C 108 -36.11 -26.56 -40.23
N GLY C 109 -35.98 -27.30 -39.13
CA GLY C 109 -35.42 -26.73 -37.92
C GLY C 109 -33.99 -26.26 -38.12
N GLN C 110 -33.19 -27.06 -38.83
CA GLN C 110 -31.83 -26.63 -39.16
C GLN C 110 -31.83 -25.37 -40.01
N ASP C 111 -32.73 -25.29 -40.98
CA ASP C 111 -32.84 -24.09 -41.82
C ASP C 111 -33.14 -22.87 -40.98
N LEU C 112 -34.10 -23.01 -40.05
CA LEU C 112 -34.36 -21.92 -39.10
C LEU C 112 -33.12 -21.62 -38.28
N ARG C 113 -32.29 -22.64 -38.01
CA ARG C 113 -31.07 -22.42 -37.25
C ARG C 113 -30.13 -21.47 -37.98
N GLU C 114 -29.82 -21.74 -39.26
CA GLU C 114 -28.91 -20.79 -39.91
C GLU C 114 -29.62 -19.46 -40.19
N GLN C 115 -30.94 -19.48 -40.34
CA GLN C 115 -31.67 -18.23 -40.54
C GLN C 115 -31.51 -17.32 -39.33
N ILE C 116 -31.61 -17.88 -38.13
CA ILE C 116 -31.37 -17.10 -36.91
C ILE C 116 -29.90 -16.72 -36.80
N GLU C 117 -29.01 -17.64 -37.19
CA GLU C 117 -27.58 -17.37 -37.09
C GLU C 117 -27.17 -16.16 -37.93
N ARG C 118 -27.68 -16.06 -39.15
CA ARG C 118 -27.32 -14.94 -40.01
C ARG C 118 -27.95 -13.63 -39.53
N LEU C 119 -29.12 -13.71 -38.89
CA LEU C 119 -29.79 -12.50 -38.43
C LEU C 119 -28.95 -11.84 -37.34
N PRO C 120 -28.86 -10.50 -37.33
CA PRO C 120 -27.97 -9.84 -36.36
C PRO C 120 -28.45 -9.95 -34.92
N ASP C 121 -27.74 -9.28 -34.01
CA ASP C 121 -28.08 -9.22 -32.59
C ASP C 121 -27.98 -10.60 -31.92
N VAL C 122 -27.30 -11.55 -32.56
CA VAL C 122 -27.07 -12.88 -31.99
C VAL C 122 -25.60 -13.23 -32.16
N ILE C 123 -25.16 -14.25 -31.43
CA ILE C 123 -23.81 -14.79 -31.54
C ILE C 123 -23.83 -16.21 -32.10
N GLU C 124 -24.49 -17.13 -31.41
CA GLU C 124 -24.54 -18.53 -31.82
C GLU C 124 -25.95 -19.06 -31.59
N ALA C 125 -26.43 -19.87 -32.53
CA ALA C 125 -27.72 -20.53 -32.42
C ALA C 125 -27.52 -22.03 -32.63
N GLN C 126 -28.06 -22.84 -31.73
CA GLN C 126 -27.88 -24.28 -31.77
C GLN C 126 -29.23 -24.97 -31.63
N LEU C 127 -29.34 -26.15 -32.25
CA LEU C 127 -30.54 -26.95 -32.21
C LEU C 127 -30.30 -28.21 -31.39
N ILE C 128 -31.33 -28.62 -30.64
CA ILE C 128 -31.27 -29.80 -29.78
C ILE C 128 -32.27 -30.81 -30.30
N SER C 129 -31.80 -32.02 -30.55
CA SER C 129 -32.65 -33.07 -31.08
C SER C 129 -33.59 -33.61 -29.99
N ARG C 130 -34.68 -34.24 -30.44
CA ARG C 130 -35.62 -34.82 -29.51
C ARG C 130 -35.00 -35.98 -28.73
N GLU C 131 -34.19 -36.81 -29.41
CA GLU C 131 -33.54 -37.92 -28.74
C GLU C 131 -32.54 -37.43 -27.69
N GLN C 132 -31.76 -36.40 -28.03
CA GLN C 132 -30.85 -35.82 -27.06
C GLN C 132 -31.62 -35.21 -25.89
N ALA C 133 -32.77 -34.61 -26.17
CA ALA C 133 -33.61 -34.08 -25.09
C ALA C 133 -34.08 -35.19 -24.17
N LEU C 134 -34.50 -36.32 -24.73
CA LEU C 134 -34.91 -37.45 -23.90
C LEU C 134 -33.75 -37.98 -23.09
N SER C 135 -32.55 -38.03 -23.68
CA SER C 135 -31.39 -38.48 -22.93
C SER C 135 -31.09 -37.55 -21.76
N GLU C 136 -31.16 -36.24 -22.00
CA GLU C 136 -30.92 -35.27 -20.93
C GLU C 136 -31.96 -35.41 -19.82
N LEU C 137 -33.22 -35.59 -20.19
CA LEU C 137 -34.27 -35.76 -19.19
C LEU C 137 -34.14 -37.08 -18.45
N GLN C 138 -33.61 -38.11 -19.10
CA GLN C 138 -33.45 -39.42 -18.48
C GLN C 138 -32.21 -39.48 -17.59
N GLU C 139 -31.25 -38.57 -17.82
CA GLU C 139 -30.05 -38.55 -16.99
C GLU C 139 -30.38 -38.30 -15.53
N GLN C 140 -31.36 -37.45 -15.25
CA GLN C 140 -31.83 -37.25 -13.88
C GLN C 140 -32.52 -38.51 -13.37
N SER C 141 -32.41 -38.74 -12.06
CA SER C 141 -33.03 -39.92 -11.45
C SER C 141 -34.54 -39.87 -11.61
N GLY C 142 -35.14 -38.70 -11.43
CA GLY C 142 -36.56 -38.54 -11.64
C GLY C 142 -36.92 -38.52 -13.11
N LEU C 143 -38.23 -38.59 -13.37
CA LEU C 143 -38.78 -38.58 -14.72
C LEU C 143 -38.19 -39.71 -15.58
N GLY C 144 -37.99 -40.88 -14.98
CA GLY C 144 -37.43 -42.01 -15.68
C GLY C 144 -38.24 -43.27 -15.44
N GLU C 145 -37.88 -44.32 -16.16
CA GLU C 145 -38.50 -45.64 -16.06
C GLU C 145 -39.98 -45.61 -16.39
N ALA C 146 -40.44 -44.57 -17.09
CA ALA C 146 -41.83 -44.47 -17.52
C ALA C 146 -41.99 -44.07 -18.98
N LEU C 147 -40.98 -43.47 -19.61
CA LEU C 147 -41.11 -43.07 -21.01
C LEU C 147 -41.20 -44.28 -21.93
N LYS C 148 -40.67 -45.43 -21.50
CA LYS C 148 -40.72 -46.62 -22.34
C LYS C 148 -42.17 -47.06 -22.58
N GLU C 149 -43.03 -46.93 -21.56
CA GLU C 149 -44.44 -47.21 -21.76
C GLU C 149 -45.07 -46.22 -22.73
N LEU C 150 -44.67 -44.96 -22.66
CA LEU C 150 -45.19 -43.95 -23.57
C LEU C 150 -44.78 -44.29 -25.00
N PRO C 151 -45.69 -44.21 -25.98
CA PRO C 151 -45.39 -44.70 -27.33
C PRO C 151 -44.23 -43.99 -28.02
N GLU C 152 -44.32 -42.67 -28.14
CA GLU C 152 -43.32 -41.88 -28.85
C GLU C 152 -42.90 -40.70 -28.00
N ASN C 153 -41.91 -39.97 -28.48
CA ASN C 153 -41.42 -38.78 -27.80
C ASN C 153 -42.38 -37.62 -28.01
N PRO C 154 -42.99 -37.07 -26.95
CA PRO C 154 -43.74 -35.82 -27.11
C PRO C 154 -42.87 -34.59 -26.98
N LEU C 155 -41.60 -34.75 -26.66
CA LEU C 155 -40.74 -33.63 -26.30
C LEU C 155 -40.30 -32.89 -27.55
N PRO C 156 -40.60 -31.60 -27.69
CA PRO C 156 -40.28 -30.90 -28.92
C PRO C 156 -38.87 -30.35 -28.91
N PRO C 157 -38.29 -30.12 -30.08
CA PRO C 157 -36.94 -29.55 -30.14
C PRO C 157 -36.91 -28.13 -29.60
N VAL C 158 -35.73 -27.71 -29.13
CA VAL C 158 -35.53 -26.39 -28.57
C VAL C 158 -34.32 -25.74 -29.25
N ILE C 159 -34.29 -24.41 -29.21
CA ILE C 159 -33.18 -23.64 -29.75
C ILE C 159 -32.76 -22.61 -28.71
N SER C 160 -31.45 -22.43 -28.55
CA SER C 160 -30.89 -21.43 -27.65
C SER C 160 -30.21 -20.33 -28.45
N VAL C 161 -30.47 -19.08 -28.08
CA VAL C 161 -29.95 -17.92 -28.79
C VAL C 161 -29.27 -17.01 -27.79
N THR C 162 -28.05 -16.57 -28.10
CA THR C 162 -27.28 -15.70 -27.22
C THR C 162 -27.05 -14.34 -27.86
N PRO C 163 -27.66 -13.26 -27.35
CA PRO C 163 -27.46 -11.94 -27.95
C PRO C 163 -26.20 -11.25 -27.43
N LYS C 164 -25.91 -10.04 -27.91
CA LYS C 164 -24.77 -9.28 -27.40
C LYS C 164 -25.14 -8.37 -26.24
N GLN C 165 -26.07 -7.45 -26.46
CA GLN C 165 -26.41 -6.45 -25.46
C GLN C 165 -27.38 -7.01 -24.43
N ILE C 166 -27.20 -6.62 -23.17
CA ILE C 166 -28.10 -7.03 -22.10
C ILE C 166 -28.83 -5.80 -21.57
N ASP C 167 -30.02 -5.54 -22.11
CA ASP C 167 -30.84 -4.42 -21.66
C ASP C 167 -32.31 -4.78 -21.79
N ARG C 168 -33.15 -4.09 -21.01
CA ARG C 168 -34.56 -4.42 -20.99
C ARG C 168 -35.22 -4.11 -22.33
N ALA C 169 -35.05 -2.89 -22.84
CA ALA C 169 -35.78 -2.46 -24.03
C ALA C 169 -35.29 -3.18 -25.27
N GLY C 170 -33.96 -3.24 -25.46
CA GLY C 170 -33.42 -3.86 -26.65
C GLY C 170 -33.76 -5.34 -26.73
N LEU C 171 -33.58 -6.06 -25.62
CA LEU C 171 -33.89 -7.48 -25.63
C LEU C 171 -35.39 -7.75 -25.70
N GLU C 172 -36.20 -6.86 -25.13
CA GLU C 172 -37.64 -6.98 -25.30
C GLU C 172 -38.03 -6.83 -26.77
N ALA C 173 -37.44 -5.85 -27.45
CA ALA C 173 -37.69 -5.70 -28.89
C ALA C 173 -37.20 -6.91 -29.67
N LEU C 174 -36.06 -7.48 -29.26
CA LEU C 174 -35.54 -8.68 -29.92
C LEU C 174 -36.52 -9.84 -29.75
N ARG C 175 -37.04 -10.03 -28.55
CA ARG C 175 -38.02 -11.10 -28.31
C ARG C 175 -39.30 -10.85 -29.11
N GLN C 176 -39.75 -9.61 -29.17
CA GLN C 176 -40.94 -9.30 -29.95
C GLN C 176 -40.73 -9.60 -31.43
N GLN C 177 -39.55 -9.25 -31.96
CA GLN C 177 -39.26 -9.55 -33.36
C GLN C 177 -39.16 -11.05 -33.60
N LEU C 178 -38.63 -11.80 -32.64
CA LEU C 178 -38.55 -13.26 -32.77
C LEU C 178 -39.88 -13.95 -32.47
N ALA C 179 -40.87 -13.22 -31.97
CA ALA C 179 -42.18 -13.84 -31.71
C ALA C 179 -42.85 -14.28 -33.00
N GLU C 180 -42.75 -13.47 -34.05
CA GLU C 180 -43.43 -13.74 -35.31
C GLU C 180 -42.53 -14.56 -36.23
N LEU C 181 -42.49 -15.85 -35.97
CA LEU C 181 -41.83 -16.82 -36.85
C LEU C 181 -42.81 -17.94 -37.16
N PRO C 182 -42.69 -18.56 -38.34
CA PRO C 182 -43.71 -19.54 -38.77
C PRO C 182 -43.88 -20.73 -37.84
N HIS C 183 -42.81 -21.20 -37.21
CA HIS C 183 -42.84 -22.43 -36.43
C HIS C 183 -42.24 -22.23 -35.04
N VAL C 184 -42.68 -21.19 -34.34
CA VAL C 184 -42.31 -20.96 -32.95
C VAL C 184 -43.58 -20.97 -32.11
N GLN C 185 -43.53 -21.64 -30.96
CA GLN C 185 -44.69 -21.69 -30.09
C GLN C 185 -44.68 -20.56 -29.06
N GLN C 186 -43.56 -20.41 -28.35
CA GLN C 186 -43.47 -19.39 -27.31
C GLN C 186 -42.01 -19.08 -27.05
N ALA C 187 -41.76 -17.89 -26.51
CA ALA C 187 -40.45 -17.50 -26.04
C ALA C 187 -40.42 -17.53 -24.51
N GLN C 188 -39.30 -18.02 -23.98
CA GLN C 188 -39.19 -18.26 -22.54
C GLN C 188 -38.00 -17.49 -22.00
N LEU C 189 -38.27 -16.38 -21.34
CA LEU C 189 -37.25 -15.60 -20.65
C LEU C 189 -37.92 -14.80 -19.55
N ASP C 190 -37.17 -14.52 -18.49
CA ASP C 190 -37.71 -13.81 -17.33
C ASP C 190 -37.28 -12.35 -17.42
N LEU C 191 -38.25 -11.47 -17.66
CA LEU C 191 -37.94 -10.05 -17.81
C LEU C 191 -37.37 -9.45 -16.54
N VAL C 192 -37.84 -9.88 -15.38
CA VAL C 192 -37.25 -9.43 -14.13
C VAL C 192 -35.78 -9.84 -14.06
N TRP C 193 -35.43 -10.97 -14.68
CA TRP C 193 -34.04 -11.40 -14.76
C TRP C 193 -33.30 -10.77 -15.94
N VAL C 194 -34.01 -10.25 -16.95
CA VAL C 194 -33.34 -9.50 -18.00
C VAL C 194 -32.71 -8.24 -17.42
N GLU C 195 -33.49 -7.48 -16.67
CA GLU C 195 -32.92 -6.47 -15.79
C GLU C 195 -32.46 -7.16 -14.51
N ARG C 196 -31.98 -6.37 -13.54
CA ARG C 196 -31.48 -6.88 -12.27
C ARG C 196 -30.16 -7.61 -12.49
N LEU C 197 -29.80 -7.79 -13.77
CA LEU C 197 -28.48 -8.27 -14.17
C LEU C 197 -27.64 -7.20 -14.82
N SER C 198 -28.26 -6.26 -15.52
CA SER C 198 -27.57 -5.05 -15.94
C SER C 198 -27.31 -4.10 -14.79
N ALA C 199 -27.92 -4.34 -13.63
CA ALA C 199 -27.67 -3.52 -12.44
C ALA C 199 -26.52 -4.04 -11.60
N ILE C 200 -26.36 -5.36 -11.50
CA ILE C 200 -25.24 -5.90 -10.75
C ILE C 200 -23.92 -5.60 -11.46
N LEU C 201 -23.92 -5.55 -12.79
CA LEU C 201 -22.70 -5.21 -13.51
C LEU C 201 -22.28 -3.77 -13.27
N LYS C 202 -23.25 -2.86 -13.22
CA LYS C 202 -22.93 -1.44 -13.02
C LYS C 202 -22.22 -1.22 -11.70
N LEU C 203 -22.68 -1.89 -10.64
CA LEU C 203 -22.04 -1.76 -9.34
C LEU C 203 -20.57 -2.20 -9.41
N GLY C 204 -20.31 -3.32 -10.10
CA GLY C 204 -18.95 -3.77 -10.26
C GLY C 204 -18.09 -2.78 -11.03
N GLU C 205 -18.66 -2.19 -12.09
CA GLU C 205 -17.92 -1.20 -12.88
C GLU C 205 -17.56 0.01 -12.02
N ARG C 206 -18.53 0.53 -11.26
CA ARG C 206 -18.25 1.70 -10.42
C ARG C 206 -17.22 1.36 -9.34
N PHE C 207 -17.35 0.17 -8.75
CA PHE C 207 -16.38 -0.25 -7.73
C PHE C 207 -14.98 -0.33 -8.30
N VAL C 208 -14.83 -0.93 -9.49
CA VAL C 208 -13.53 -1.05 -10.12
C VAL C 208 -12.94 0.32 -10.43
N PHE C 209 -13.78 1.23 -10.97
CA PHE C 209 -13.31 2.57 -11.29
C PHE C 209 -12.81 3.30 -10.05
N GLY C 210 -13.59 3.26 -8.97
CA GLY C 210 -13.18 3.90 -7.74
C GLY C 210 -11.91 3.31 -7.17
N LEU C 211 -11.81 1.98 -7.18
CA LEU C 211 -10.61 1.32 -6.65
C LEU C 211 -9.38 1.70 -7.46
N THR C 212 -9.51 1.77 -8.79
CA THR C 212 -8.38 2.14 -9.63
C THR C 212 -7.92 3.57 -9.32
N ILE C 213 -8.87 4.49 -9.20
CA ILE C 213 -8.50 5.88 -8.89
C ILE C 213 -7.78 5.94 -7.55
N LEU C 214 -8.34 5.26 -6.54
CA LEU C 214 -7.77 5.31 -5.20
C LEU C 214 -6.36 4.72 -5.17
N LEU C 215 -6.12 3.63 -5.89
CA LEU C 215 -4.79 3.04 -5.88
C LEU C 215 -3.78 3.90 -6.65
N VAL C 216 -4.19 4.48 -7.78
CA VAL C 216 -3.27 5.31 -8.54
C VAL C 216 -2.83 6.53 -7.72
N LEU C 217 -3.77 7.17 -7.02
CA LEU C 217 -3.41 8.34 -6.24
C LEU C 217 -2.39 8.00 -5.15
N THR C 218 -2.61 6.91 -4.42
CA THR C 218 -1.69 6.57 -3.34
C THR C 218 -0.32 6.17 -3.88
N LEU C 219 -0.30 5.47 -5.02
CA LEU C 219 1.00 5.13 -5.62
C LEU C 219 1.78 6.38 -5.96
N LEU C 220 1.13 7.32 -6.65
CA LEU C 220 1.83 8.55 -7.03
C LEU C 220 2.31 9.31 -5.81
N LEU C 221 1.46 9.43 -4.79
CA LEU C 221 1.84 10.20 -3.60
C LEU C 221 3.02 9.57 -2.88
N VAL C 222 3.01 8.24 -2.71
CA VAL C 222 4.12 7.59 -2.01
C VAL C 222 5.42 7.77 -2.79
N VAL C 223 5.36 7.55 -4.10
CA VAL C 223 6.57 7.65 -4.92
C VAL C 223 7.14 9.06 -4.85
N GLY C 224 6.28 10.07 -4.92
CA GLY C 224 6.78 11.44 -4.82
C GLY C 224 7.35 11.76 -3.44
N ASN C 225 6.63 11.37 -2.38
CA ASN C 225 7.01 11.79 -1.04
C ASN C 225 8.32 11.17 -0.60
N THR C 226 8.54 9.89 -0.89
CA THR C 226 9.79 9.27 -0.43
C THR C 226 11.00 9.92 -1.08
N ILE C 227 10.92 10.17 -2.39
CA ILE C 227 12.03 10.84 -3.09
C ILE C 227 12.22 12.25 -2.55
N ARG C 228 11.12 12.95 -2.25
CA ARG C 228 11.25 14.28 -1.67
C ARG C 228 12.00 14.22 -0.34
N LEU C 229 11.68 13.23 0.49
CA LEU C 229 12.36 13.14 1.78
C LEU C 229 13.84 12.80 1.64
N HIS C 230 14.20 11.92 0.71
CA HIS C 230 15.63 11.67 0.49
C HIS C 230 16.35 12.91 -0.02
N ILE C 231 15.72 13.64 -0.95
CA ILE C 231 16.40 14.79 -1.56
C ILE C 231 16.65 15.89 -0.53
N GLU C 232 15.68 16.12 0.35
CA GLU C 232 15.80 17.21 1.32
C GLU C 232 16.99 17.04 2.26
N ASN C 233 17.44 15.80 2.50
CA ASN C 233 18.57 15.58 3.37
C ASN C 233 19.88 16.07 2.80
N ARG C 234 19.92 16.44 1.51
CA ARG C 234 21.14 16.89 0.86
C ARG C 234 21.04 18.36 0.44
N ARG C 235 20.36 19.19 1.23
CA ARG C 235 20.26 20.60 0.87
C ARG C 235 21.49 21.37 1.34
N ASN C 236 22.66 20.84 1.03
CA ASN C 236 23.92 21.56 1.19
C ASN C 236 24.79 21.47 -0.05
N GLU C 237 24.77 20.34 -0.74
CA GLU C 237 25.53 20.20 -1.98
C GLU C 237 25.01 21.17 -3.05
N ILE C 238 23.69 21.33 -3.14
CA ILE C 238 23.12 22.21 -4.14
C ILE C 238 23.56 23.65 -3.90
N GLU C 239 23.55 24.09 -2.64
CA GLU C 239 23.92 25.47 -2.33
C GLU C 239 25.37 25.74 -2.71
N VAL C 240 26.29 24.83 -2.37
CA VAL C 240 27.69 25.05 -2.68
C VAL C 240 27.94 24.97 -4.18
N ILE C 241 27.30 24.01 -4.85
CA ILE C 241 27.46 23.88 -6.30
C ILE C 241 26.94 25.10 -7.03
N LYS C 242 25.86 25.71 -6.54
CA LYS C 242 25.33 26.90 -7.19
C LYS C 242 26.08 28.17 -6.82
N LEU C 243 26.64 28.24 -5.61
CA LEU C 243 27.40 29.43 -5.22
C LEU C 243 28.62 29.62 -6.12
N VAL C 244 29.33 28.54 -6.42
CA VAL C 244 30.33 28.54 -7.48
C VAL C 244 29.59 28.40 -8.80
N GLY C 245 30.20 28.87 -9.88
CA GLY C 245 29.56 28.76 -11.18
C GLY C 245 29.18 27.33 -11.52
N GLY C 246 27.89 27.11 -11.80
CA GLY C 246 27.42 25.77 -12.10
C GLY C 246 26.26 25.75 -13.06
N THR C 247 26.39 24.97 -14.14
CA THR C 247 25.33 24.85 -15.13
C THR C 247 24.13 24.15 -14.51
N ASP C 248 22.94 24.44 -15.07
CA ASP C 248 21.70 24.00 -14.45
C ASP C 248 21.61 22.48 -14.40
N GLY C 249 21.98 21.79 -15.48
CA GLY C 249 21.90 20.34 -15.50
C GLY C 249 22.92 19.66 -14.60
N TYR C 250 24.02 20.34 -14.27
CA TYR C 250 25.05 19.74 -13.44
C TYR C 250 24.57 19.45 -12.03
N VAL C 251 23.66 20.25 -11.49
CA VAL C 251 23.12 19.99 -10.16
C VAL C 251 21.95 19.01 -10.20
N ARG C 252 21.36 18.78 -11.37
CA ARG C 252 20.21 17.88 -11.47
C ARG C 252 20.59 16.45 -11.82
N ARG C 253 21.68 16.24 -12.56
CA ARG C 253 21.98 14.91 -13.08
C ARG C 253 22.11 13.82 -12.02
N PRO C 254 22.91 13.99 -10.94
CA PRO C 254 23.03 12.89 -9.97
C PRO C 254 21.72 12.54 -9.29
N PHE C 255 20.86 13.52 -9.04
CA PHE C 255 19.56 13.22 -8.43
C PHE C 255 18.68 12.43 -9.39
N LEU C 256 18.76 12.75 -10.69
CA LEU C 256 18.04 11.95 -11.69
C LEU C 256 18.51 10.51 -11.66
N TYR C 257 19.82 10.30 -11.59
CA TYR C 257 20.33 8.93 -11.55
C TYR C 257 19.88 8.21 -10.28
N MET C 258 19.89 8.91 -9.15
CA MET C 258 19.45 8.30 -7.89
C MET C 258 17.99 7.90 -7.96
N GLY C 259 17.16 8.73 -8.59
CA GLY C 259 15.77 8.36 -8.77
C GLY C 259 15.59 7.15 -9.69
N ALA C 260 16.34 7.13 -10.80
CA ALA C 260 16.19 6.05 -11.76
C ALA C 260 16.59 4.70 -11.16
N LEU C 261 17.66 4.67 -10.37
CA LEU C 261 18.08 3.40 -9.77
C LEU C 261 17.02 2.86 -8.82
N TYR C 262 16.45 3.74 -7.99
CA TYR C 262 15.39 3.33 -7.07
C TYR C 262 14.19 2.80 -7.85
N GLY C 263 13.83 3.47 -8.94
CA GLY C 263 12.75 3.01 -9.78
C GLY C 263 12.98 1.61 -10.32
N LEU C 264 14.20 1.36 -10.80
CA LEU C 264 14.53 0.04 -11.34
C LEU C 264 14.42 -1.04 -10.27
N GLY C 265 14.96 -0.76 -9.08
CA GLY C 265 14.88 -1.73 -8.00
C GLY C 265 13.44 -2.02 -7.60
N ALA C 266 12.62 -0.97 -7.49
CA ALA C 266 11.22 -1.16 -7.14
C ALA C 266 10.50 -1.97 -8.20
N GLY C 267 10.81 -1.73 -9.47
CA GLY C 267 10.20 -2.53 -10.53
C GLY C 267 10.55 -4.00 -10.42
N ILE C 268 11.82 -4.31 -10.15
CA ILE C 268 12.22 -5.72 -10.01
C ILE C 268 11.47 -6.37 -8.85
N LEU C 269 11.42 -5.70 -7.70
CA LEU C 269 10.75 -6.27 -6.55
C LEU C 269 9.26 -6.46 -6.82
N SER C 270 8.62 -5.50 -7.48
CA SER C 270 7.20 -5.64 -7.80
C SER C 270 6.95 -6.82 -8.73
N TRP C 271 7.82 -6.99 -9.73
CA TRP C 271 7.71 -8.14 -10.62
C TRP C 271 7.75 -9.44 -9.84
N ALA C 272 8.75 -9.57 -8.94
CA ALA C 272 8.87 -10.81 -8.18
C ALA C 272 7.64 -11.04 -7.30
N LEU C 273 7.16 -9.99 -6.63
CA LEU C 273 6.04 -10.17 -5.71
C LEU C 273 4.77 -10.53 -6.45
N LEU C 274 4.51 -9.90 -7.61
CA LEU C 274 3.34 -10.28 -8.40
C LEU C 274 3.45 -11.72 -8.88
N ALA C 275 4.62 -12.11 -9.38
CA ALA C 275 4.80 -13.46 -9.89
C ALA C 275 4.60 -14.51 -8.80
N TYR C 276 4.90 -14.17 -7.55
CA TYR C 276 4.62 -15.11 -6.46
C TYR C 276 3.16 -15.08 -6.00
N SER C 277 2.56 -13.89 -5.88
CA SER C 277 1.19 -13.80 -5.39
C SER C 277 0.20 -14.44 -6.35
N LEU C 278 0.38 -14.23 -7.66
CA LEU C 278 -0.54 -14.84 -8.61
C LEU C 278 -0.41 -16.36 -8.61
N ASN C 279 0.81 -16.90 -8.45
CA ASN C 279 0.99 -18.33 -8.31
C ASN C 279 0.31 -18.85 -7.04
N TRP C 280 0.39 -18.09 -5.94
CA TRP C 280 -0.36 -18.45 -4.74
C TRP C 280 -1.85 -18.54 -5.04
N LEU C 281 -2.39 -17.52 -5.71
CA LEU C 281 -3.83 -17.47 -5.93
C LEU C 281 -4.30 -18.58 -6.87
N ASN C 282 -3.50 -18.92 -7.88
CA ASN C 282 -3.91 -19.88 -8.89
C ASN C 282 -4.09 -21.29 -8.35
N GLY C 283 -3.88 -21.51 -7.06
CA GLY C 283 -4.05 -22.83 -6.49
C GLY C 283 -5.46 -23.23 -6.16
N SER C 284 -6.43 -22.35 -6.37
CA SER C 284 -7.82 -22.65 -6.04
C SER C 284 -8.78 -22.46 -7.20
N VAL C 285 -8.53 -21.46 -8.06
CA VAL C 285 -9.45 -21.18 -9.16
C VAL C 285 -9.48 -22.34 -10.15
N VAL C 286 -8.34 -23.01 -10.34
CA VAL C 286 -8.29 -24.14 -11.27
C VAL C 286 -9.19 -25.26 -10.79
N ASN C 287 -9.30 -25.45 -9.47
CA ASN C 287 -10.20 -26.46 -8.94
C ASN C 287 -11.65 -26.16 -9.32
N LEU C 288 -12.09 -24.91 -9.10
CA LEU C 288 -13.47 -24.54 -9.43
C LEU C 288 -13.72 -24.66 -10.92
N SER C 289 -12.75 -24.25 -11.74
CA SER C 289 -12.90 -24.39 -13.18
C SER C 289 -13.01 -25.85 -13.60
N GLY C 290 -12.27 -26.74 -12.92
CA GLY C 290 -12.33 -28.15 -13.25
C GLY C 290 -13.61 -28.82 -12.78
N LEU C 291 -14.23 -28.28 -11.73
CA LEU C 291 -15.49 -28.87 -11.25
C LEU C 291 -16.58 -28.76 -12.31
N TYR C 292 -16.71 -27.60 -12.94
CA TYR C 292 -17.57 -27.48 -14.11
C TYR C 292 -16.86 -28.08 -15.32
N GLY C 293 -17.55 -28.13 -16.44
CA GLY C 293 -16.93 -28.66 -17.63
C GLY C 293 -16.16 -27.59 -18.38
N SER C 294 -14.88 -27.46 -18.04
CA SER C 294 -14.00 -26.44 -18.60
C SER C 294 -12.59 -26.61 -18.05
N ASP C 295 -11.64 -25.85 -18.58
CA ASP C 295 -10.28 -25.84 -18.04
C ASP C 295 -9.74 -24.42 -18.23
N PHE C 296 -9.89 -23.59 -17.21
CA PHE C 296 -9.43 -22.20 -17.22
C PHE C 296 -8.54 -21.96 -16.03
N GLY C 297 -7.41 -21.29 -16.25
CA GLY C 297 -6.49 -21.00 -15.17
C GLY C 297 -5.81 -19.65 -15.33
N LEU C 298 -5.50 -19.00 -14.20
CA LEU C 298 -4.80 -17.73 -14.25
C LEU C 298 -3.38 -17.96 -14.75
N GLN C 299 -3.01 -17.25 -15.82
CA GLN C 299 -1.68 -17.36 -16.39
C GLN C 299 -0.74 -16.37 -15.71
N GLY C 300 0.52 -16.76 -15.58
CA GLY C 300 1.51 -15.92 -14.93
C GLY C 300 1.78 -14.63 -15.68
N VAL C 301 2.67 -13.81 -15.14
CA VAL C 301 2.99 -12.53 -15.76
C VAL C 301 3.70 -12.78 -17.09
N PRO C 302 3.18 -12.24 -18.19
CA PRO C 302 3.87 -12.38 -19.48
C PRO C 302 5.18 -11.63 -19.47
N LEU C 303 6.13 -12.13 -20.26
CA LEU C 303 7.45 -11.52 -20.30
C LEU C 303 7.38 -10.10 -20.85
N ASP C 304 6.54 -9.87 -21.86
CA ASP C 304 6.37 -8.52 -22.38
C ASP C 304 5.77 -7.60 -21.32
N ASP C 305 4.76 -8.08 -20.59
CA ASP C 305 4.19 -7.29 -19.51
C ASP C 305 5.20 -7.08 -18.39
N GLY C 306 6.03 -8.07 -18.10
CA GLY C 306 7.08 -7.89 -17.10
C GLY C 306 8.08 -6.82 -17.50
N LEU C 307 8.49 -6.82 -18.76
CA LEU C 307 9.38 -5.77 -19.25
C LEU C 307 8.71 -4.40 -19.18
N SER C 308 7.42 -4.34 -19.53
CA SER C 308 6.70 -3.08 -19.44
C SER C 308 6.54 -2.60 -18.00
N LEU C 309 6.52 -3.54 -17.04
CA LEU C 309 6.42 -3.15 -15.64
C LEU C 309 7.71 -2.52 -15.12
N THR C 310 8.85 -3.12 -15.43
CA THR C 310 10.12 -2.61 -14.94
C THR C 310 10.57 -1.34 -15.64
N VAL C 311 9.93 -0.97 -16.75
CA VAL C 311 10.21 0.32 -17.38
C VAL C 311 9.25 1.38 -16.87
N GLY C 312 8.01 1.01 -16.54
CA GLY C 312 7.08 1.96 -15.97
C GLY C 312 7.43 2.44 -14.58
N ALA C 313 8.33 1.74 -13.89
CA ALA C 313 8.80 2.18 -12.57
C ALA C 313 10.06 3.03 -12.65
N VAL C 314 10.87 2.83 -13.69
CA VAL C 314 12.05 3.68 -13.88
C VAL C 314 11.62 5.10 -14.24
N LEU C 315 10.56 5.24 -15.02
CA LEU C 315 10.12 6.55 -15.47
C LEU C 315 9.60 7.42 -14.33
N LEU C 316 9.26 6.84 -13.18
CA LEU C 316 8.95 7.66 -12.01
C LEU C 316 10.18 8.44 -11.56
N GLY C 317 11.35 7.79 -11.56
CA GLY C 317 12.59 8.54 -11.58
C GLY C 317 12.74 9.30 -12.87
N TRP C 318 13.51 10.38 -12.83
CA TRP C 318 13.61 11.40 -13.86
C TRP C 318 12.33 12.23 -13.91
N VAL C 319 11.35 11.91 -13.06
CA VAL C 319 10.16 12.73 -12.92
C VAL C 319 10.04 13.17 -11.47
N GLY C 320 10.11 12.21 -10.55
CA GLY C 320 10.09 12.56 -9.13
C GLY C 320 11.31 13.38 -8.74
N ALA C 321 12.49 12.98 -9.22
CA ALA C 321 13.70 13.77 -8.97
C ALA C 321 13.61 15.13 -9.64
N TRP C 322 13.08 15.20 -10.86
CA TRP C 322 13.00 16.46 -11.59
C TRP C 322 12.05 17.45 -10.94
N LEU C 323 11.17 17.00 -10.04
CA LEU C 323 10.31 17.89 -9.28
C LEU C 323 10.83 18.15 -7.87
N ALA C 324 11.47 17.17 -7.25
CA ALA C 324 12.04 17.38 -5.92
C ALA C 324 13.16 18.39 -5.94
N VAL C 325 14.00 18.38 -6.97
CA VAL C 325 15.10 19.34 -7.07
C VAL C 325 14.63 20.69 -7.62
N ALA C 326 13.44 20.74 -8.23
CA ALA C 326 12.94 22.00 -8.76
C ALA C 326 12.44 22.95 -7.67
N ARG C 327 12.20 22.45 -6.46
CA ARG C 327 11.79 23.34 -5.38
C ARG C 327 12.98 24.10 -4.80
N HIS C 328 14.06 23.39 -4.48
CA HIS C 328 15.27 24.06 -4.00
C HIS C 328 15.87 24.97 -5.05
N LEU C 329 15.63 24.71 -6.33
CA LEU C 329 16.24 25.47 -7.40
C LEU C 329 15.50 26.76 -7.72
N ARG C 330 14.30 26.96 -7.16
CA ARG C 330 13.57 28.19 -7.39
C ARG C 330 13.56 29.12 -6.19
N GLU C 331 13.73 28.60 -4.97
CA GLU C 331 13.83 29.46 -3.80
C GLU C 331 15.25 29.91 -3.52
N LEU C 332 16.23 29.35 -4.21
CA LEU C 332 17.61 29.85 -4.19
C LEU C 332 17.89 30.81 -5.32
N ALA C 333 16.91 31.09 -6.17
CA ALA C 333 17.07 32.05 -7.25
C ALA C 333 17.17 33.46 -6.68
N PRO C 334 17.71 34.40 -7.45
CA PRO C 334 17.77 35.79 -6.97
C PRO C 334 16.37 36.32 -6.63
N ARG C 335 16.29 37.05 -5.54
CA ARG C 335 15.00 37.52 -5.04
C ARG C 335 15.17 38.75 -4.15
N MET D 1 36.60 45.62 -13.31
CA MET D 1 36.09 46.93 -13.73
C MET D 1 34.63 47.09 -13.35
N ILE D 2 34.38 47.21 -12.05
CA ILE D 2 33.03 47.35 -11.52
C ILE D 2 32.73 48.82 -11.32
N ARG D 3 31.46 49.18 -11.50
CA ARG D 3 31.02 50.58 -11.38
C ARG D 3 29.73 50.62 -10.56
N PHE D 4 29.73 51.45 -9.53
CA PHE D 4 28.56 51.66 -8.68
C PHE D 4 27.99 53.04 -8.96
N GLU D 5 26.67 53.10 -9.21
CA GLU D 5 26.00 54.34 -9.57
C GLU D 5 24.71 54.45 -8.77
N GLN D 6 24.81 55.04 -7.58
CA GLN D 6 23.66 55.35 -6.72
C GLN D 6 22.83 54.10 -6.46
N VAL D 7 23.46 53.16 -5.76
CA VAL D 7 22.83 51.87 -5.44
C VAL D 7 22.49 51.84 -3.96
N GLY D 8 21.23 51.52 -3.66
CA GLY D 8 20.79 51.34 -2.29
C GLY D 8 19.63 50.39 -2.21
N LYS D 9 19.73 49.36 -1.37
CA LYS D 9 18.71 48.32 -1.28
C LYS D 9 18.02 48.41 0.08
N ARG D 10 16.71 48.21 0.09
CA ARG D 10 15.87 48.36 1.27
C ARG D 10 15.25 47.00 1.60
N TYR D 11 15.38 46.57 2.84
CA TYR D 11 14.69 45.38 3.29
C TYR D 11 13.18 45.60 3.27
N PRO D 12 12.40 44.58 2.93
CA PRO D 12 10.93 44.72 3.02
C PRO D 12 10.46 45.09 4.42
N ASN D 13 11.08 44.53 5.45
CA ASN D 13 10.67 44.80 6.82
C ASN D 13 11.79 45.05 7.81
N GLY D 14 13.01 44.57 7.57
CA GLY D 14 14.02 44.59 8.61
C GLY D 14 14.59 45.98 8.86
N HIS D 15 15.34 46.51 7.91
CA HIS D 15 15.99 47.81 8.06
C HIS D 15 16.56 48.29 6.73
N VAL D 16 17.38 49.33 6.77
CA VAL D 16 18.10 49.83 5.60
C VAL D 16 19.55 49.43 5.72
N GLY D 17 20.08 48.77 4.68
CA GLY D 17 21.45 48.34 4.68
C GLY D 17 22.37 49.25 3.89
N LEU D 18 21.98 49.60 2.68
CA LEU D 18 22.75 50.48 1.81
C LEU D 18 21.85 51.59 1.29
N HIS D 19 22.47 52.73 1.00
CA HIS D 19 21.73 53.93 0.57
C HIS D 19 22.57 54.72 -0.42
N GLU D 20 22.35 54.49 -1.72
CA GLU D 20 22.85 55.35 -2.79
C GLU D 20 24.38 55.49 -2.75
N VAL D 21 25.07 54.43 -2.38
CA VAL D 21 26.54 54.47 -2.39
C VAL D 21 27.04 54.39 -3.83
N SER D 22 28.23 54.92 -4.05
CA SER D 22 28.82 54.91 -5.39
C SER D 22 30.33 55.12 -5.30
N PHE D 23 31.07 54.33 -6.05
CA PHE D 23 32.52 54.50 -6.20
C PHE D 23 32.94 53.72 -7.44
N ARG D 24 34.17 53.97 -7.89
CA ARG D 24 34.70 53.38 -9.10
C ARG D 24 35.95 52.58 -8.80
N VAL D 25 36.11 51.46 -9.49
CA VAL D 25 37.26 50.58 -9.32
C VAL D 25 37.85 50.27 -10.68
N HIS D 26 39.16 50.39 -10.79
CA HIS D 26 39.88 50.05 -12.02
C HIS D 26 40.22 48.57 -12.01
N ARG D 27 41.09 48.15 -12.93
CA ARG D 27 41.36 46.72 -13.11
C ARG D 27 42.54 46.22 -12.30
N GLY D 28 43.71 46.85 -12.44
CA GLY D 28 44.93 46.29 -11.91
C GLY D 28 45.28 46.61 -10.48
N GLU D 29 44.40 47.28 -9.74
CA GLU D 29 44.69 47.71 -8.38
C GLU D 29 43.89 46.87 -7.39
N ILE D 30 44.22 47.04 -6.11
CA ILE D 30 43.50 46.39 -5.01
C ILE D 30 42.78 47.47 -4.21
N LEU D 31 41.53 47.21 -3.86
CA LEU D 31 40.71 48.12 -3.08
C LEU D 31 40.38 47.48 -1.75
N PHE D 32 40.52 48.23 -0.66
CA PHE D 32 40.35 47.69 0.68
C PHE D 32 39.31 48.55 1.40
N VAL D 33 38.05 48.13 1.34
CA VAL D 33 36.95 48.87 1.94
C VAL D 33 36.77 48.43 3.38
N THR D 34 36.51 49.40 4.26
CA THR D 34 36.25 49.13 5.66
C THR D 34 34.82 49.50 6.02
N GLY D 35 34.34 48.95 7.13
CA GLY D 35 32.98 49.17 7.57
C GLY D 35 32.58 48.27 8.71
N HIS D 36 31.41 47.63 8.60
CA HIS D 36 30.95 46.70 9.62
C HIS D 36 29.95 45.74 8.99
N SER D 37 30.14 44.45 9.25
CA SER D 37 29.28 43.44 8.63
C SER D 37 27.82 43.60 9.06
N GLY D 38 27.59 43.85 10.34
CA GLY D 38 26.25 44.14 10.81
C GLY D 38 25.68 45.44 10.30
N ALA D 39 26.52 46.34 9.79
CA ALA D 39 26.08 47.61 9.25
C ALA D 39 25.82 47.55 7.74
N GLY D 40 25.94 46.39 7.13
CA GLY D 40 25.70 46.22 5.71
C GLY D 40 26.89 45.80 4.87
N LYS D 41 28.05 45.55 5.48
CA LYS D 41 29.21 45.11 4.72
C LYS D 41 28.97 43.74 4.08
N SER D 42 28.38 42.80 4.84
CA SER D 42 28.06 41.49 4.28
C SER D 42 27.02 41.61 3.16
N THR D 43 26.03 42.48 3.34
CA THR D 43 25.04 42.70 2.29
C THR D 43 25.69 43.25 1.03
N LEU D 44 26.61 44.20 1.19
CA LEU D 44 27.33 44.73 0.04
C LEU D 44 28.13 43.62 -0.64
N LEU D 45 28.78 42.76 0.14
CA LEU D 45 29.51 41.65 -0.45
C LEU D 45 28.59 40.74 -1.25
N ARG D 46 27.43 40.39 -0.70
CA ARG D 46 26.47 39.56 -1.42
C ARG D 46 25.96 40.25 -2.67
N LEU D 47 25.97 41.59 -2.68
CA LEU D 47 25.35 42.33 -3.78
C LEU D 47 26.04 42.07 -5.12
N ILE D 48 27.37 41.94 -5.11
CA ILE D 48 28.08 41.72 -6.38
C ILE D 48 27.68 40.41 -7.01
N LEU D 49 27.56 39.34 -6.21
CA LEU D 49 27.31 38.01 -6.77
C LEU D 49 25.89 37.82 -7.31
N ALA D 50 25.10 38.89 -7.41
CA ALA D 50 23.78 38.85 -8.04
C ALA D 50 22.83 37.90 -7.33
N MET D 51 23.05 37.67 -6.04
CA MET D 51 22.11 36.85 -5.28
C MET D 51 20.86 37.64 -4.89
N GLU D 52 20.97 38.97 -4.77
CA GLU D 52 19.82 39.82 -4.54
C GLU D 52 19.99 41.10 -5.35
N ARG D 53 18.92 41.52 -6.00
CA ARG D 53 18.97 42.71 -6.85
C ARG D 53 18.78 43.97 -6.02
N PRO D 54 19.40 45.08 -6.44
CA PRO D 54 19.17 46.35 -5.73
C PRO D 54 17.75 46.83 -5.90
N THR D 55 17.22 47.48 -4.86
CA THR D 55 15.86 48.00 -4.92
C THR D 55 15.78 49.25 -5.78
N SER D 56 16.80 50.12 -5.69
CA SER D 56 16.79 51.39 -6.40
C SER D 56 18.16 51.62 -7.03
N GLY D 57 18.17 52.40 -8.10
CA GLY D 57 19.40 52.71 -8.81
C GLY D 57 19.70 51.69 -9.89
N LYS D 58 20.86 51.88 -10.51
CA LYS D 58 21.33 51.00 -11.57
C LYS D 58 22.74 50.50 -11.23
N LEU D 59 23.04 49.29 -11.69
CA LEU D 59 24.28 48.61 -11.34
C LEU D 59 24.97 48.10 -12.60
N LEU D 60 26.29 48.25 -12.64
CA LEU D 60 27.11 47.74 -13.72
C LEU D 60 28.31 47.00 -13.15
N LEU D 61 28.60 45.83 -13.71
CA LEU D 61 29.73 45.02 -13.26
C LEU D 61 30.76 44.82 -14.37
N GLY D 62 30.32 44.48 -15.58
CA GLY D 62 31.22 44.34 -16.70
C GLY D 62 30.58 44.84 -17.98
N GLY D 63 29.56 45.68 -17.83
CA GLY D 63 28.78 46.17 -18.96
C GLY D 63 27.37 45.63 -19.03
N GLN D 64 26.91 44.93 -18.00
CA GLN D 64 25.57 44.34 -17.96
C GLN D 64 24.78 44.90 -16.79
N ASP D 65 23.51 45.17 -17.02
CA ASP D 65 22.63 45.67 -15.96
C ASP D 65 22.18 44.50 -15.09
N LEU D 66 22.70 44.42 -13.88
CA LEU D 66 22.34 43.33 -12.99
C LEU D 66 20.91 43.44 -12.46
N GLY D 67 20.25 44.58 -12.65
CA GLY D 67 18.86 44.70 -12.25
C GLY D 67 17.95 43.77 -13.03
N ARG D 68 18.18 43.66 -14.33
CA ARG D 68 17.42 42.77 -15.21
C ARG D 68 18.40 41.82 -15.87
N ILE D 69 18.66 40.68 -15.22
CA ILE D 69 19.54 39.65 -15.75
C ILE D 69 18.80 38.33 -15.72
N THR D 70 18.85 37.59 -16.83
CA THR D 70 18.15 36.32 -16.93
C THR D 70 18.76 35.29 -15.98
N THR D 71 17.89 34.46 -15.39
CA THR D 71 18.36 33.44 -14.47
C THR D 71 19.22 32.39 -15.15
N ALA D 72 19.14 32.28 -16.47
CA ALA D 72 19.94 31.33 -17.22
C ALA D 72 21.32 31.87 -17.59
N GLN D 73 21.61 33.12 -17.23
CA GLN D 73 22.91 33.72 -17.53
C GLN D 73 23.80 33.88 -16.30
N ILE D 74 23.24 33.75 -15.10
CA ILE D 74 24.04 33.88 -13.89
C ILE D 74 25.16 32.85 -13.82
N PRO D 75 24.92 31.55 -14.07
CA PRO D 75 26.04 30.60 -14.01
C PRO D 75 27.16 30.91 -15.00
N PHE D 76 26.85 31.48 -16.16
CA PHE D 76 27.90 31.85 -17.10
C PHE D 76 28.78 32.99 -16.58
N LEU D 77 28.32 33.71 -15.56
CA LEU D 77 29.08 34.79 -14.96
C LEU D 77 29.79 34.38 -13.68
N ARG D 78 29.11 33.65 -12.80
CA ARG D 78 29.64 33.33 -11.47
C ARG D 78 30.77 32.30 -11.53
N ARG D 79 31.07 31.73 -12.69
CA ARG D 79 32.13 30.74 -12.81
C ARG D 79 33.49 31.36 -13.09
N GLN D 80 33.57 32.68 -13.20
CA GLN D 80 34.85 33.37 -13.39
C GLN D 80 35.15 34.36 -12.27
N ILE D 81 34.35 34.37 -11.20
CA ILE D 81 34.54 35.28 -10.08
C ILE D 81 34.69 34.42 -8.83
N GLY D 82 35.92 34.11 -8.46
CA GLY D 82 36.16 33.40 -7.23
C GLY D 82 35.77 34.24 -6.02
N VAL D 83 35.35 33.58 -4.96
CA VAL D 83 34.88 34.27 -3.76
C VAL D 83 35.11 33.40 -2.54
N VAL D 84 35.49 34.05 -1.44
CA VAL D 84 35.57 33.42 -0.13
C VAL D 84 34.79 34.27 0.86
N PHE D 85 33.90 33.63 1.61
CA PHE D 85 33.08 34.32 2.58
C PHE D 85 33.76 34.32 3.94
N GLN D 86 33.18 35.06 4.89
CA GLN D 86 33.74 35.10 6.23
C GLN D 86 33.67 33.73 6.89
N ASN D 87 32.54 33.05 6.76
CA ASN D 87 32.37 31.71 7.30
C ASN D 87 32.50 30.68 6.18
N HIS D 88 33.21 29.59 6.47
CA HIS D 88 33.49 28.57 5.47
C HIS D 88 32.30 27.65 5.28
N GLN D 89 32.09 27.23 4.04
CA GLN D 89 31.13 26.18 3.70
C GLN D 89 31.84 25.15 2.85
N LEU D 90 31.77 23.89 3.26
CA LEU D 90 32.52 22.82 2.62
C LEU D 90 31.62 21.64 2.37
N LEU D 91 31.95 20.84 1.35
CA LEU D 91 31.18 19.66 1.02
C LEU D 91 31.54 18.54 1.97
N THR D 92 30.64 18.21 2.88
CA THR D 92 30.86 17.11 3.81
C THR D 92 30.84 15.78 3.06
N ASP D 93 31.64 14.83 3.54
CA ASP D 93 31.73 13.47 2.99
C ASP D 93 32.34 13.45 1.60
N ARG D 94 33.09 14.48 1.22
CA ARG D 94 33.89 14.47 0.01
C ARG D 94 35.32 14.86 0.37
N THR D 95 36.28 14.10 -0.12
CA THR D 95 37.67 14.29 0.28
C THR D 95 38.17 15.66 -0.16
N VAL D 96 39.16 16.19 0.58
CA VAL D 96 39.64 17.55 0.38
C VAL D 96 40.19 17.72 -1.03
N ALA D 97 40.93 16.72 -1.53
CA ALA D 97 41.51 16.82 -2.86
C ALA D 97 40.43 16.98 -3.92
N ASP D 98 39.34 16.22 -3.81
CA ASP D 98 38.24 16.37 -4.75
C ASP D 98 37.44 17.64 -4.47
N ASN D 99 37.26 17.96 -3.19
CA ASN D 99 36.40 19.10 -2.81
C ASN D 99 37.03 20.43 -3.23
N ILE D 100 38.35 20.47 -3.37
CA ILE D 100 39.03 21.71 -3.74
C ILE D 100 39.02 22.00 -5.22
N ALA D 101 38.59 21.04 -6.05
CA ALA D 101 38.70 21.17 -7.50
C ALA D 101 37.34 21.36 -8.17
N LEU D 102 36.38 21.96 -7.48
CA LEU D 102 35.07 22.19 -8.09
C LEU D 102 35.11 23.11 -9.30
N PRO D 103 35.74 24.29 -9.26
CA PRO D 103 35.71 25.16 -10.45
C PRO D 103 36.31 24.50 -11.68
N LEU D 104 37.41 23.76 -11.52
CA LEU D 104 38.03 23.10 -12.66
C LEU D 104 37.14 22.00 -13.22
N GLN D 105 36.50 21.22 -12.35
CA GLN D 105 35.57 20.21 -12.82
C GLN D 105 34.40 20.82 -13.57
N ILE D 106 33.89 21.95 -13.07
CA ILE D 106 32.81 22.65 -13.76
C ILE D 106 33.27 23.13 -15.12
N LEU D 107 34.47 23.68 -15.20
CA LEU D 107 34.97 24.22 -16.46
C LEU D 107 35.12 23.12 -17.51
N GLY D 108 35.62 21.95 -17.10
CA GLY D 108 35.84 20.86 -18.04
C GLY D 108 37.28 20.82 -18.50
N MET D 109 38.04 19.83 -18.03
CA MET D 109 39.47 19.79 -18.29
C MET D 109 39.95 18.39 -17.97
N PRO D 110 40.95 17.86 -18.68
CA PRO D 110 41.42 16.50 -18.39
C PRO D 110 41.93 16.35 -16.98
N LYS D 111 41.76 15.14 -16.43
CA LYS D 111 42.08 14.89 -15.03
C LYS D 111 43.53 15.18 -14.64
N PRO D 112 44.55 14.78 -15.40
CA PRO D 112 45.93 15.08 -14.97
C PRO D 112 46.20 16.56 -14.80
N GLU D 113 45.63 17.40 -15.67
CA GLU D 113 45.77 18.83 -15.49
C GLU D 113 45.15 19.30 -14.19
N ILE D 114 43.98 18.74 -13.84
CA ILE D 114 43.35 19.06 -12.57
C ILE D 114 44.26 18.66 -11.42
N ALA D 115 44.85 17.48 -11.51
CA ALA D 115 45.71 16.99 -10.42
C ALA D 115 46.92 17.89 -10.23
N LYS D 116 47.58 18.28 -11.33
CA LYS D 116 48.76 19.12 -11.19
C LYS D 116 48.41 20.53 -10.74
N ARG D 117 47.27 21.07 -11.20
CA ARG D 117 46.85 22.39 -10.72
C ARG D 117 46.55 22.36 -9.23
N VAL D 118 45.87 21.31 -8.76
CA VAL D 118 45.60 21.19 -7.32
C VAL D 118 46.90 21.08 -6.55
N ALA D 119 47.83 20.24 -7.05
CA ALA D 119 49.11 20.09 -6.37
C ALA D 119 49.84 21.43 -6.28
N SER D 120 49.81 22.22 -7.36
CA SER D 120 50.44 23.54 -7.34
C SER D 120 49.74 24.48 -6.38
N ALA D 121 48.42 24.37 -6.25
CA ALA D 121 47.70 25.23 -5.32
C ALA D 121 48.03 24.91 -3.87
N LEU D 122 48.30 23.64 -3.57
CA LEU D 122 48.57 23.26 -2.17
C LEU D 122 49.82 23.91 -1.60
N GLU D 123 50.90 24.07 -2.38
CA GLU D 123 52.05 24.76 -1.77
C GLU D 123 51.80 26.25 -1.66
N ARG D 124 50.99 26.81 -2.56
CA ARG D 124 50.62 28.22 -2.42
C ARG D 124 49.84 28.45 -1.13
N VAL D 125 48.92 27.53 -0.80
CA VAL D 125 48.21 27.61 0.47
C VAL D 125 49.01 26.98 1.60
N ASN D 126 50.13 26.33 1.30
CA ASN D 126 51.05 25.77 2.29
C ASN D 126 50.43 24.59 3.05
N LEU D 127 49.81 23.65 2.35
CA LEU D 127 49.32 22.40 2.93
C LEU D 127 49.92 21.25 2.14
N LYS D 128 50.74 20.43 2.81
CA LYS D 128 51.35 19.28 2.14
C LYS D 128 50.56 18.00 2.37
N GLU D 129 50.39 17.60 3.62
CA GLU D 129 49.79 16.34 3.97
C GLU D 129 48.27 16.48 4.04
N LYS D 130 47.62 15.46 4.61
CA LYS D 130 46.16 15.38 4.76
C LYS D 130 45.41 15.85 3.51
N GLY D 131 45.98 15.54 2.33
CA GLY D 131 45.29 15.84 1.09
C GLY D 131 44.03 15.01 0.90
N GLU D 132 44.06 13.75 1.31
CA GLU D 132 42.90 12.86 1.21
C GLU D 132 42.05 12.86 2.47
N ALA D 133 42.38 13.69 3.45
CA ALA D 133 41.62 13.74 4.68
C ALA D 133 40.24 14.35 4.44
N LEU D 134 39.31 14.02 5.34
CA LEU D 134 37.95 14.55 5.27
C LEU D 134 37.94 16.03 5.61
N PRO D 135 37.00 16.80 5.04
CA PRO D 135 36.90 18.22 5.43
C PRO D 135 36.57 18.40 6.90
N SER D 136 35.78 17.49 7.46
CA SER D 136 35.56 17.46 8.90
C SER D 136 36.73 16.76 9.59
N ASP D 137 36.65 16.65 10.91
CA ASP D 137 37.71 16.02 11.71
C ASP D 137 39.05 16.71 11.45
N LEU D 138 39.02 18.03 11.35
CA LEU D 138 40.21 18.84 11.12
C LEU D 138 40.23 20.04 12.04
N SER D 139 41.41 20.58 12.29
CA SER D 139 41.57 21.71 13.17
C SER D 139 41.03 22.98 12.53
N THR D 140 40.59 23.92 13.36
CA THR D 140 40.08 25.18 12.86
C THR D 140 41.19 25.97 12.17
N GLY D 141 40.78 26.84 11.27
CA GLY D 141 41.72 27.55 10.43
C GLY D 141 42.07 26.80 9.17
N GLN D 142 42.25 25.48 9.28
CA GLN D 142 42.47 24.66 8.10
C GLN D 142 41.27 24.71 7.16
N GLN D 143 40.06 24.69 7.72
CA GLN D 143 38.86 24.88 6.90
C GLN D 143 38.89 26.25 6.25
N GLN D 144 39.30 27.28 6.99
CA GLN D 144 39.41 28.62 6.41
C GLN D 144 40.50 28.65 5.35
N ARG D 145 41.58 27.88 5.55
CA ARG D 145 42.64 27.81 4.54
C ARG D 145 42.14 27.16 3.25
N VAL D 146 41.38 26.06 3.35
CA VAL D 146 40.87 25.44 2.14
C VAL D 146 39.80 26.32 1.50
N GLY D 147 39.08 27.10 2.31
CA GLY D 147 38.18 28.08 1.74
C GLY D 147 38.92 29.14 0.93
N ILE D 148 40.07 29.59 1.44
CA ILE D 148 40.93 30.44 0.64
C ILE D 148 41.33 29.76 -0.65
N ALA D 149 41.77 28.49 -0.55
CA ALA D 149 42.30 27.79 -1.69
C ALA D 149 41.25 27.57 -2.78
N ARG D 150 39.98 27.41 -2.39
CA ARG D 150 38.93 27.20 -3.39
C ARG D 150 38.83 28.36 -4.36
N ALA D 151 39.27 29.55 -3.96
CA ALA D 151 39.28 30.72 -4.82
C ALA D 151 40.63 30.95 -5.50
N ILE D 152 41.58 30.05 -5.31
CA ILE D 152 42.92 30.22 -5.89
C ILE D 152 43.24 29.14 -6.92
N VAL D 153 42.51 28.03 -6.96
CA VAL D 153 42.87 26.91 -7.83
C VAL D 153 42.83 27.35 -9.30
N HIS D 154 41.78 28.06 -9.68
CA HIS D 154 41.71 28.62 -11.03
C HIS D 154 42.26 30.04 -11.01
N GLN D 155 42.08 30.78 -12.11
CA GLN D 155 42.61 32.13 -12.26
C GLN D 155 41.44 33.08 -12.51
N PRO D 156 40.78 33.54 -11.45
CA PRO D 156 39.63 34.43 -11.63
C PRO D 156 40.08 35.86 -11.90
N ALA D 157 39.37 36.55 -12.80
CA ALA D 157 39.68 37.94 -13.09
C ALA D 157 39.48 38.82 -11.86
N LEU D 158 38.40 38.58 -11.11
CA LEU D 158 38.11 39.32 -9.91
C LEU D 158 37.75 38.36 -8.79
N LEU D 159 38.29 38.61 -7.59
CA LEU D 159 37.99 37.79 -6.43
C LEU D 159 37.63 38.70 -5.26
N LEU D 160 36.71 38.22 -4.42
CA LEU D 160 36.20 38.99 -3.30
C LEU D 160 36.44 38.21 -2.01
N ALA D 161 36.86 38.92 -0.97
CA ALA D 161 37.13 38.32 0.33
C ALA D 161 36.52 39.19 1.43
N ASP D 162 36.16 38.55 2.53
CA ASP D 162 35.57 39.23 3.68
C ASP D 162 36.28 38.77 4.95
N GLU D 163 37.04 39.68 5.56
CA GLU D 163 37.76 39.43 6.80
C GLU D 163 38.55 38.14 6.79
N PRO D 164 39.49 37.95 5.85
CA PRO D 164 40.31 36.73 5.89
C PRO D 164 41.28 36.71 7.06
N THR D 165 41.53 37.85 7.69
CA THR D 165 42.47 37.96 8.79
C THR D 165 41.76 38.65 9.97
N GLY D 166 42.54 39.02 10.97
CA GLY D 166 42.03 39.74 12.12
C GLY D 166 41.87 38.90 13.37
N ASN D 167 41.89 37.58 13.25
CA ASN D 167 41.72 36.67 14.38
C ASN D 167 42.76 35.56 14.32
N LEU D 168 44.01 35.92 14.08
CA LEU D 168 45.09 34.94 14.00
C LEU D 168 46.41 35.64 14.25
N ASP D 169 47.45 34.83 14.41
CA ASP D 169 48.80 35.35 14.57
C ASP D 169 49.20 36.12 13.32
N PRO D 170 49.64 37.37 13.44
CA PRO D 170 49.97 38.15 12.22
C PRO D 170 50.99 37.48 11.31
N ARG D 171 51.97 36.76 11.87
CA ARG D 171 52.93 36.06 11.02
C ARG D 171 52.23 34.99 10.19
N LEU D 172 51.16 34.38 10.72
CA LEU D 172 50.37 33.46 9.92
C LEU D 172 49.64 34.19 8.80
N ALA D 173 49.04 35.34 9.10
CA ALA D 173 48.35 36.15 8.10
C ALA D 173 49.31 36.70 7.05
N SER D 174 50.61 36.70 7.32
CA SER D 174 51.57 37.16 6.33
C SER D 174 51.52 36.32 5.07
N GLU D 175 51.38 35.01 5.20
CA GLU D 175 51.29 34.14 4.03
C GLU D 175 50.02 34.43 3.23
N ILE D 176 48.89 34.65 3.90
CA ILE D 176 47.65 34.96 3.19
C ILE D 176 47.79 36.28 2.44
N MET D 177 48.35 37.30 3.09
CA MET D 177 48.55 38.57 2.41
C MET D 177 49.49 38.42 1.23
N GLY D 178 50.56 37.61 1.39
CA GLY D 178 51.49 37.41 0.30
C GLY D 178 50.86 36.70 -0.89
N VAL D 179 50.06 35.66 -0.65
CA VAL D 179 49.45 34.96 -1.76
C VAL D 179 48.40 35.84 -2.44
N PHE D 180 47.68 36.66 -1.67
CA PHE D 180 46.76 37.60 -2.28
C PHE D 180 47.51 38.59 -3.17
N GLU D 181 48.63 39.13 -2.69
CA GLU D 181 49.39 40.06 -3.51
C GLU D 181 49.98 39.37 -4.74
N ASP D 182 50.37 38.10 -4.60
CA ASP D 182 50.91 37.36 -5.73
C ASP D 182 49.86 37.14 -6.82
N ILE D 183 48.66 36.71 -6.42
CA ILE D 183 47.60 36.54 -7.41
C ILE D 183 47.18 37.89 -7.97
N ASN D 184 47.37 38.98 -7.20
CA ASN D 184 47.17 40.31 -7.75
C ASN D 184 48.19 40.63 -8.83
N ARG D 185 49.44 40.18 -8.64
CA ARG D 185 50.49 40.48 -9.61
C ARG D 185 50.18 39.87 -10.97
N LEU D 186 49.49 38.72 -11.01
CA LEU D 186 49.19 38.08 -12.28
C LEU D 186 48.23 38.90 -13.13
N GLY D 187 47.47 39.81 -12.52
CA GLY D 187 46.52 40.61 -13.27
C GLY D 187 45.09 40.37 -12.83
N THR D 188 44.88 40.06 -11.55
CA THR D 188 43.58 39.78 -11.00
C THR D 188 43.18 40.87 -10.02
N THR D 189 42.03 41.48 -10.25
CA THR D 189 41.54 42.51 -9.34
C THR D 189 41.16 41.90 -8.00
N VAL D 190 41.51 42.59 -6.92
CA VAL D 190 41.24 42.13 -5.56
C VAL D 190 40.47 43.21 -4.82
N LEU D 191 39.42 42.81 -4.13
CA LEU D 191 38.60 43.72 -3.33
C LEU D 191 38.50 43.19 -1.89
N ILE D 192 39.66 42.86 -1.33
CA ILE D 192 39.72 42.43 0.06
C ILE D 192 39.14 43.52 0.95
N ALA D 193 38.40 43.12 1.98
CA ALA D 193 37.72 44.06 2.84
C ALA D 193 37.77 43.60 4.29
N SER D 194 38.02 44.54 5.19
CA SER D 194 38.09 44.24 6.62
C SER D 194 37.86 45.53 7.39
N HIS D 195 37.54 45.37 8.68
CA HIS D 195 37.29 46.50 9.56
C HIS D 195 38.38 46.67 10.62
N ASP D 196 39.60 46.23 10.32
CA ASP D 196 40.73 46.39 11.22
C ASP D 196 41.57 47.57 10.74
N LEU D 197 41.70 48.59 11.61
CA LEU D 197 42.42 49.80 11.24
C LEU D 197 43.93 49.58 11.22
N ALA D 198 44.43 48.53 11.88
CA ALA D 198 45.86 48.28 11.89
C ALA D 198 46.37 47.94 10.49
N LEU D 199 45.59 47.17 9.73
CA LEU D 199 46.00 46.74 8.40
C LEU D 199 46.00 47.88 7.39
N ILE D 200 45.43 49.03 7.72
CA ILE D 200 45.36 50.14 6.76
C ILE D 200 46.76 50.60 6.38
N ALA D 201 47.61 50.83 7.38
CA ALA D 201 48.93 51.40 7.17
C ALA D 201 50.02 50.34 6.93
N ARG D 202 49.68 49.06 7.02
CA ARG D 202 50.69 48.02 6.82
C ARG D 202 51.21 48.03 5.38
N MET D 203 50.32 48.21 4.41
CA MET D 203 50.71 48.30 3.01
C MET D 203 49.97 49.46 2.36
N ARG D 204 50.51 49.95 1.25
CA ARG D 204 49.88 51.03 0.49
C ARG D 204 48.71 50.47 -0.30
N HIS D 205 47.54 51.10 -0.17
CA HIS D 205 46.35 50.66 -0.86
C HIS D 205 45.29 51.74 -0.77
N ARG D 206 44.53 51.91 -1.87
CA ARG D 206 43.44 52.88 -1.91
C ARG D 206 42.24 52.38 -1.13
N MET D 207 42.10 52.82 0.12
CA MET D 207 41.02 52.32 0.96
C MET D 207 39.76 53.15 0.78
N LEU D 208 38.68 52.70 1.43
CA LEU D 208 37.40 53.37 1.39
C LEU D 208 36.69 53.12 2.72
N THR D 209 35.83 54.05 3.12
CA THR D 209 35.17 53.99 4.42
C THR D 209 33.66 53.85 4.25
N LEU D 210 33.03 53.18 5.22
CA LEU D 210 31.60 52.95 5.21
C LEU D 210 31.11 52.87 6.65
N GLN D 211 30.00 53.57 6.93
CA GLN D 211 29.41 53.55 8.27
C GLN D 211 27.93 53.86 8.17
N ARG D 212 27.14 53.14 8.97
CA ARG D 212 25.70 53.37 9.07
C ARG D 212 25.02 53.31 7.71
N GLY D 213 25.55 52.48 6.82
CA GLY D 213 25.00 52.36 5.48
C GLY D 213 25.32 53.51 4.55
N ARG D 214 26.22 54.41 4.95
CA ARG D 214 26.58 55.56 4.14
C ARG D 214 28.09 55.67 4.04
N ILE D 215 28.56 56.23 2.93
CA ILE D 215 29.98 56.44 2.69
C ILE D 215 30.32 57.90 2.93
N ILE D 216 31.52 58.15 3.43
CA ILE D 216 31.97 59.51 3.73
C ILE D 216 32.78 60.03 2.56
N ALA D 217 33.90 59.38 2.28
CA ALA D 217 34.80 59.76 1.19
C ALA D 217 35.77 58.61 0.96
N ASP D 218 36.66 58.78 -0.02
CA ASP D 218 37.67 57.80 -0.34
C ASP D 218 39.05 58.41 -0.14
N ARG D 219 39.90 57.71 0.60
CA ARG D 219 41.25 58.17 0.91
C ARG D 219 42.24 57.10 0.51
N GLU D 220 43.37 57.51 -0.07
CA GLU D 220 44.40 56.57 -0.50
C GLU D 220 45.42 56.36 0.62
N ASP D 221 45.49 55.12 1.12
CA ASP D 221 46.44 54.73 2.16
C ASP D 221 46.26 55.59 3.42
N GLU D 222 45.09 55.44 4.04
CA GLU D 222 44.77 56.19 5.26
C GLU D 222 45.64 55.79 6.44
N SER E 32 -108.20 -92.49 -38.19
CA SER E 32 -107.74 -91.43 -37.31
C SER E 32 -106.22 -91.29 -37.37
N GLY E 33 -105.58 -92.13 -38.19
CA GLY E 33 -104.13 -92.07 -38.31
C GLY E 33 -103.64 -90.77 -38.91
N VAL E 34 -104.39 -90.21 -39.86
CA VAL E 34 -104.01 -88.95 -40.48
C VAL E 34 -104.16 -87.80 -39.50
N GLN E 35 -105.24 -87.79 -38.73
CA GLN E 35 -105.58 -86.67 -37.86
C GLN E 35 -104.83 -86.73 -36.53
N LYS E 36 -105.05 -87.79 -35.75
CA LYS E 36 -104.54 -87.84 -34.38
C LYS E 36 -103.01 -87.92 -34.33
N GLN E 37 -102.40 -88.72 -35.22
CA GLN E 37 -100.95 -88.83 -35.21
C GLN E 37 -100.29 -87.51 -35.57
N LEU E 38 -100.85 -86.79 -36.56
CA LEU E 38 -100.33 -85.48 -36.90
C LEU E 38 -100.56 -84.47 -35.78
N LYS E 39 -101.72 -84.54 -35.12
CA LYS E 39 -101.99 -83.63 -34.00
C LYS E 39 -101.04 -83.85 -32.84
N SER E 40 -100.72 -85.11 -32.53
CA SER E 40 -99.75 -85.38 -31.47
C SER E 40 -98.38 -84.82 -31.81
N THR E 41 -97.95 -84.98 -33.06
CA THR E 41 -96.66 -84.44 -33.49
C THR E 41 -96.68 -82.91 -33.43
N GLU E 42 -97.79 -82.29 -33.82
CA GLU E 42 -97.90 -80.84 -33.74
C GLU E 42 -97.85 -80.36 -32.29
N THR E 43 -98.50 -81.10 -31.38
CA THR E 43 -98.47 -80.74 -29.98
C THR E 43 -97.06 -80.85 -29.41
N GLU E 44 -96.34 -81.91 -29.79
CA GLU E 44 -94.94 -82.05 -29.36
C GLU E 44 -94.09 -80.92 -29.93
N MET E 45 -94.32 -80.55 -31.19
CA MET E 45 -93.58 -79.45 -31.80
C MET E 45 -93.86 -78.14 -31.08
N GLY E 46 -95.12 -77.91 -30.68
CA GLY E 46 -95.43 -76.71 -29.92
C GLY E 46 -94.81 -76.70 -28.54
N ASP E 47 -94.79 -77.87 -27.88
CA ASP E 47 -94.12 -77.98 -26.59
C ASP E 47 -92.64 -77.66 -26.70
N LEU E 48 -92.00 -78.16 -27.76
CA LEU E 48 -90.60 -77.80 -28.00
C LEU E 48 -90.46 -76.32 -28.34
N GLU E 49 -91.42 -75.78 -29.09
CA GLU E 49 -91.37 -74.36 -29.47
C GLU E 49 -91.50 -73.45 -28.27
N LYS E 50 -92.16 -73.92 -27.21
CA LYS E 50 -92.20 -73.13 -25.98
C LYS E 50 -90.80 -72.91 -25.41
N GLN E 51 -90.04 -74.00 -25.27
CA GLN E 51 -88.65 -73.87 -24.83
C GLN E 51 -87.81 -73.15 -25.86
N ILE E 52 -88.19 -73.22 -27.14
CA ILE E 52 -87.46 -72.47 -28.16
C ILE E 52 -87.65 -70.97 -27.98
N LYS E 53 -88.87 -70.54 -27.70
CA LYS E 53 -89.10 -69.13 -27.37
C LYS E 53 -88.36 -68.74 -26.09
N ALA E 54 -88.34 -69.65 -25.11
CA ALA E 54 -87.57 -69.39 -23.90
C ALA E 54 -86.09 -69.19 -24.21
N LEU E 55 -85.55 -69.97 -25.15
CA LEU E 55 -84.14 -69.84 -25.48
C LEU E 55 -83.86 -68.61 -26.33
N GLN E 56 -84.80 -68.16 -27.18
CA GLN E 56 -84.63 -66.82 -27.76
C GLN E 56 -84.67 -65.75 -26.68
N ASP E 57 -85.49 -65.92 -25.65
CA ASP E 57 -85.52 -64.92 -24.58
C ASP E 57 -84.19 -64.86 -23.84
N GLU E 58 -83.64 -66.03 -23.48
CA GLU E 58 -82.34 -66.03 -22.81
C GLU E 58 -81.24 -65.57 -23.76
N LEU E 59 -81.41 -65.80 -25.06
CA LEU E 59 -80.47 -65.28 -26.04
C LEU E 59 -80.51 -63.76 -26.07
N ASP E 60 -81.71 -63.17 -26.01
CA ASP E 60 -81.83 -61.72 -25.95
C ASP E 60 -81.18 -61.17 -24.70
N LYS E 61 -81.39 -61.84 -23.55
CA LYS E 61 -80.73 -61.40 -22.32
C LYS E 61 -79.21 -61.49 -22.44
N SER E 62 -78.71 -62.59 -23.01
CA SER E 62 -77.27 -62.77 -23.19
C SER E 62 -76.70 -61.71 -24.12
N GLU E 63 -77.41 -61.40 -25.20
CA GLU E 63 -76.93 -60.36 -26.11
C GLU E 63 -76.96 -58.98 -25.47
N ALA E 64 -77.99 -58.71 -24.67
CA ALA E 64 -78.06 -57.42 -23.97
C ALA E 64 -76.88 -57.28 -23.02
N GLU E 65 -76.56 -58.32 -22.26
CA GLU E 65 -75.41 -58.23 -21.38
C GLU E 65 -74.10 -58.25 -22.18
N LEU E 66 -74.12 -58.82 -23.40
CA LEU E 66 -72.92 -58.78 -24.24
C LEU E 66 -72.61 -57.35 -24.68
N LYS E 67 -73.61 -56.62 -25.18
CA LYS E 67 -73.37 -55.21 -25.46
C LYS E 67 -73.11 -54.41 -24.20
N ARG E 68 -73.67 -54.81 -23.06
CA ARG E 68 -73.35 -54.14 -21.80
C ARG E 68 -71.87 -54.26 -21.49
N LEU E 69 -71.31 -55.47 -21.66
CA LEU E 69 -69.89 -55.68 -21.42
C LEU E 69 -69.04 -55.00 -22.49
N ASP E 70 -69.54 -54.97 -23.73
CA ASP E 70 -68.80 -54.33 -24.81
C ASP E 70 -68.67 -52.83 -24.57
N GLY E 71 -69.77 -52.19 -24.16
CA GLY E 71 -69.70 -50.78 -23.81
C GLY E 71 -68.79 -50.53 -22.63
N GLU E 72 -68.80 -51.44 -21.65
CA GLU E 72 -67.88 -51.32 -20.53
C GLU E 72 -66.43 -51.40 -20.98
N LYS E 73 -66.12 -52.33 -21.88
CA LYS E 73 -64.74 -52.42 -22.39
C LYS E 73 -64.38 -51.19 -23.20
N LYS E 74 -65.31 -50.66 -24.00
CA LYS E 74 -65.01 -49.46 -24.78
C LYS E 74 -64.77 -48.24 -23.87
N LYS E 75 -65.58 -48.09 -22.82
CA LYS E 75 -65.37 -46.98 -21.90
C LYS E 75 -64.10 -47.17 -21.08
N LEU E 76 -63.72 -48.44 -20.84
CA LEU E 76 -62.48 -48.71 -20.15
C LEU E 76 -61.28 -48.39 -21.03
N GLN E 77 -61.39 -48.68 -22.33
CA GLN E 77 -60.35 -48.30 -23.28
C GLN E 77 -60.35 -46.81 -23.56
N ASP E 78 -61.45 -46.11 -23.26
CA ASP E 78 -61.43 -44.66 -23.29
C ASP E 78 -60.46 -44.13 -22.24
N ALA E 79 -60.41 -44.78 -21.08
CA ALA E 79 -59.34 -44.54 -20.13
C ALA E 79 -58.02 -45.03 -20.73
N ARG E 80 -56.91 -44.72 -20.06
CA ARG E 80 -55.55 -45.02 -20.48
C ARG E 80 -55.13 -44.11 -21.64
N ILE E 81 -56.08 -43.35 -22.20
CA ILE E 81 -55.73 -42.30 -23.15
C ILE E 81 -55.39 -41.01 -22.40
N GLU E 82 -56.19 -40.70 -21.37
CA GLU E 82 -55.79 -39.66 -20.43
C GLU E 82 -54.45 -39.98 -19.79
N GLN E 83 -54.06 -41.27 -19.76
CA GLN E 83 -52.71 -41.60 -19.32
C GLN E 83 -51.66 -40.93 -20.18
N GLN E 84 -51.72 -41.10 -21.51
CA GLN E 84 -50.75 -40.43 -22.36
C GLN E 84 -50.90 -38.92 -22.27
N ARG E 85 -52.14 -38.43 -22.20
CA ARG E 85 -52.32 -36.98 -22.11
C ARG E 85 -51.62 -36.39 -20.90
N LEU E 86 -51.88 -36.95 -19.72
CA LEU E 86 -51.32 -36.41 -18.49
C LEU E 86 -49.81 -36.64 -18.42
N LEU E 87 -49.35 -37.80 -18.89
CA LEU E 87 -47.91 -38.05 -18.89
C LEU E 87 -47.19 -37.08 -19.82
N ALA E 88 -47.76 -36.79 -20.99
CA ALA E 88 -47.17 -35.81 -21.89
C ALA E 88 -47.14 -34.44 -21.27
N ILE E 89 -48.23 -34.05 -20.58
CA ILE E 89 -48.25 -32.74 -19.92
C ILE E 89 -47.13 -32.66 -18.88
N GLN E 90 -46.99 -33.69 -18.05
CA GLN E 90 -45.96 -33.64 -17.01
C GLN E 90 -44.56 -33.66 -17.62
N ALA E 91 -44.34 -34.45 -18.67
CA ALA E 91 -43.03 -34.50 -19.31
C ALA E 91 -42.66 -33.15 -19.90
N ARG E 92 -43.61 -32.51 -20.60
CA ARG E 92 -43.35 -31.20 -21.16
C ARG E 92 -43.08 -30.18 -20.06
N ALA E 93 -43.84 -30.22 -18.97
CA ALA E 93 -43.59 -29.29 -17.86
C ALA E 93 -42.21 -29.51 -17.27
N ALA E 94 -41.81 -30.77 -17.08
CA ALA E 94 -40.51 -31.08 -16.50
C ALA E 94 -39.39 -30.57 -17.39
N TYR E 95 -39.49 -30.78 -18.70
CA TYR E 95 -38.45 -30.28 -19.59
C TYR E 95 -38.45 -28.76 -19.62
N GLN E 96 -39.64 -28.14 -19.62
CA GLN E 96 -39.72 -26.69 -19.66
C GLN E 96 -39.10 -26.04 -18.43
N SER E 97 -39.30 -26.61 -17.25
CA SER E 97 -38.56 -26.20 -16.07
C SER E 97 -37.83 -27.43 -15.52
N GLY E 98 -36.72 -27.76 -16.16
CA GLY E 98 -35.75 -28.71 -15.64
C GLY E 98 -34.36 -28.35 -16.08
N ARG E 99 -34.24 -27.18 -16.74
CA ARG E 99 -32.98 -26.69 -17.28
C ARG E 99 -32.68 -25.35 -16.63
N GLU E 100 -32.04 -25.36 -15.47
CA GLU E 100 -31.72 -24.11 -14.80
C GLU E 100 -30.35 -24.18 -14.13
N GLU E 101 -29.41 -23.37 -14.61
CA GLU E 101 -28.14 -23.22 -13.91
C GLU E 101 -28.40 -22.68 -12.51
N TYR E 102 -27.83 -23.33 -11.51
CA TYR E 102 -28.20 -23.01 -10.13
C TYR E 102 -27.70 -21.64 -9.71
N LEU E 103 -26.78 -21.05 -10.46
CA LEU E 103 -26.30 -19.71 -10.14
C LEU E 103 -27.30 -18.62 -10.49
N LYS E 104 -28.27 -18.90 -11.35
CA LYS E 104 -29.33 -17.94 -11.64
C LYS E 104 -30.58 -18.20 -10.81
N LEU E 105 -30.51 -19.16 -9.88
CA LEU E 105 -31.59 -19.40 -8.93
C LEU E 105 -31.36 -18.69 -7.61
N LEU E 106 -30.13 -18.76 -7.08
CA LEU E 106 -29.83 -18.07 -5.84
C LEU E 106 -29.82 -16.57 -6.01
N LEU E 107 -29.42 -16.09 -7.18
CA LEU E 107 -29.28 -14.66 -7.43
C LEU E 107 -30.59 -13.99 -7.85
N ASN E 108 -31.68 -14.75 -7.97
CA ASN E 108 -32.96 -14.21 -8.40
C ASN E 108 -34.04 -14.38 -7.33
N GLN E 109 -33.64 -14.61 -6.09
CA GLN E 109 -34.54 -14.86 -4.96
C GLN E 109 -35.51 -16.00 -5.23
N GLU E 110 -35.16 -16.94 -6.11
CA GLU E 110 -36.03 -18.09 -6.34
C GLU E 110 -35.94 -19.09 -5.19
N HIS E 111 -35.13 -18.78 -4.17
CA HIS E 111 -34.88 -19.61 -3.01
C HIS E 111 -34.60 -21.05 -3.44
N PRO E 112 -33.41 -21.33 -3.95
CA PRO E 112 -33.10 -22.65 -4.54
C PRO E 112 -33.08 -23.79 -3.53
N GLU E 113 -33.54 -23.57 -2.30
CA GLU E 113 -33.94 -24.68 -1.45
C GLU E 113 -34.93 -25.56 -2.19
N LYS E 114 -35.85 -24.95 -2.94
CA LYS E 114 -36.71 -25.67 -3.87
C LYS E 114 -35.94 -25.91 -5.17
N PHE E 115 -36.66 -26.36 -6.20
CA PHE E 115 -36.10 -26.79 -7.48
C PHE E 115 -35.18 -28.00 -7.30
N SER E 116 -35.02 -28.49 -6.09
CA SER E 116 -34.40 -29.77 -5.78
C SER E 116 -35.36 -30.67 -5.02
N ARG E 117 -36.13 -30.11 -4.08
CA ARG E 117 -37.25 -30.83 -3.52
C ARG E 117 -38.29 -31.15 -4.59
N THR E 118 -38.59 -30.17 -5.45
CA THR E 118 -39.59 -30.42 -6.48
C THR E 118 -39.07 -31.36 -7.55
N LEU E 119 -37.75 -31.58 -7.61
CA LEU E 119 -37.24 -32.69 -8.41
C LEU E 119 -37.67 -34.02 -7.81
N THR E 120 -37.51 -34.17 -6.49
CA THR E 120 -38.00 -35.38 -5.85
C THR E 120 -39.51 -35.34 -5.70
N TYR E 121 -40.12 -34.15 -5.67
CA TYR E 121 -41.57 -34.09 -5.79
C TYR E 121 -42.04 -34.64 -7.13
N TYR E 122 -41.32 -34.31 -8.21
CA TYR E 122 -41.62 -34.90 -9.50
C TYR E 122 -41.36 -36.40 -9.51
N ASP E 123 -40.32 -36.85 -8.80
CA ASP E 123 -40.10 -38.29 -8.69
C ASP E 123 -41.26 -38.97 -7.97
N TYR E 124 -41.75 -38.37 -6.88
CA TYR E 124 -42.89 -38.92 -6.17
C TYR E 124 -44.16 -38.86 -7.01
N ILE E 125 -44.37 -37.79 -7.76
CA ILE E 125 -45.55 -37.68 -8.60
C ILE E 125 -45.45 -38.58 -9.82
N ASN E 126 -44.25 -38.91 -10.27
CA ASN E 126 -44.04 -39.88 -11.33
C ASN E 126 -44.22 -41.31 -10.84
N LYS E 127 -43.79 -41.62 -9.62
CA LYS E 127 -44.11 -42.90 -9.01
C LYS E 127 -45.57 -43.01 -8.61
N ALA E 128 -46.22 -41.92 -8.26
CA ALA E 128 -47.65 -41.88 -8.01
C ALA E 128 -48.46 -41.99 -9.30
N ARG E 129 -47.98 -41.41 -10.38
CA ARG E 129 -48.54 -41.63 -11.70
C ARG E 129 -48.17 -43.00 -12.24
N LEU E 130 -47.12 -43.62 -11.71
CA LEU E 130 -46.82 -45.01 -11.95
C LEU E 130 -47.74 -45.94 -11.18
N GLU E 131 -48.17 -45.55 -9.99
CA GLU E 131 -49.27 -46.21 -9.30
C GLU E 131 -50.60 -46.01 -10.01
N GLN E 132 -50.85 -44.81 -10.52
CA GLN E 132 -51.98 -44.57 -11.40
C GLN E 132 -51.89 -45.45 -12.64
N LEU E 133 -50.71 -45.52 -13.24
CA LEU E 133 -50.49 -46.37 -14.40
C LEU E 133 -50.54 -47.84 -14.02
N ALA E 134 -50.32 -48.17 -12.75
CA ALA E 134 -50.51 -49.53 -12.28
C ALA E 134 -51.99 -49.83 -12.11
N SER E 135 -52.79 -48.81 -11.77
CA SER E 135 -54.23 -48.95 -11.89
C SER E 135 -54.62 -49.15 -13.35
N PHE E 136 -53.92 -48.47 -14.27
CA PHE E 136 -54.14 -48.74 -15.68
C PHE E 136 -53.60 -50.10 -16.11
N ASN E 137 -52.61 -50.64 -15.40
CA ASN E 137 -52.17 -52.01 -15.67
C ASN E 137 -53.19 -53.01 -15.15
N GLU E 138 -53.83 -52.70 -14.03
CA GLU E 138 -55.01 -53.45 -13.61
C GLU E 138 -56.09 -53.36 -14.69
N THR E 139 -56.28 -52.17 -15.24
CA THR E 139 -57.19 -51.98 -16.37
C THR E 139 -56.83 -52.88 -17.54
N LEU E 140 -55.55 -52.90 -17.92
CA LEU E 140 -55.12 -53.67 -19.09
C LEU E 140 -55.18 -55.16 -18.83
N ARG E 141 -54.85 -55.60 -17.61
CA ARG E 141 -54.90 -57.02 -17.27
C ARG E 141 -56.34 -57.50 -17.17
N GLN E 142 -57.22 -56.66 -16.62
CA GLN E 142 -58.64 -56.94 -16.58
C GLN E 142 -59.19 -56.98 -17.99
N LEU E 143 -58.67 -56.11 -18.87
CA LEU E 143 -59.08 -56.13 -20.27
C LEU E 143 -58.61 -57.41 -20.96
N ALA E 144 -57.38 -57.85 -20.67
CA ALA E 144 -56.90 -59.11 -21.23
C ALA E 144 -57.73 -60.30 -20.76
N ASN E 145 -58.05 -60.32 -19.46
CA ASN E 145 -58.89 -61.40 -18.93
C ASN E 145 -60.31 -61.33 -19.46
N VAL E 146 -60.86 -60.11 -19.58
CA VAL E 146 -62.23 -59.89 -20.00
C VAL E 146 -62.26 -59.83 -21.52
N GLU E 147 -61.13 -60.14 -22.15
CA GLU E 147 -61.05 -60.44 -23.56
C GLU E 147 -60.89 -61.92 -23.84
N GLN E 148 -60.07 -62.62 -23.06
CA GLN E 148 -59.98 -64.07 -23.19
C GLN E 148 -61.30 -64.75 -22.81
N ASP E 149 -61.86 -64.41 -21.66
CA ASP E 149 -63.12 -65.03 -21.29
C ASP E 149 -64.26 -64.56 -22.18
N ILE E 150 -64.23 -63.31 -22.67
CA ILE E 150 -65.31 -62.86 -23.54
C ILE E 150 -65.21 -63.55 -24.89
N SER E 151 -63.99 -63.87 -25.34
CA SER E 151 -63.84 -64.76 -26.49
C SER E 151 -64.38 -66.13 -26.17
N ALA E 152 -64.27 -66.57 -24.92
CA ALA E 152 -64.92 -67.82 -24.53
C ALA E 152 -66.45 -67.72 -24.66
N GLN E 153 -67.03 -66.58 -24.26
CA GLN E 153 -68.48 -66.44 -24.47
C GLN E 153 -68.84 -66.24 -25.93
N LYS E 154 -67.92 -65.74 -26.78
CA LYS E 154 -68.15 -65.85 -28.21
C LYS E 154 -68.09 -67.28 -28.73
N ALA E 155 -67.23 -68.13 -28.16
CA ALA E 155 -67.30 -69.56 -28.48
C ALA E 155 -68.64 -70.13 -28.05
N GLU E 156 -69.11 -69.74 -26.87
CA GLU E 156 -70.44 -70.14 -26.41
C GLU E 156 -71.52 -69.57 -27.33
N GLN E 157 -71.28 -68.38 -27.88
CA GLN E 157 -72.21 -67.78 -28.83
C GLN E 157 -72.28 -68.59 -30.12
N LEU E 158 -71.14 -69.07 -30.59
CA LEU E 158 -71.12 -69.96 -31.75
C LEU E 158 -71.84 -71.26 -31.43
N SER E 159 -71.63 -71.79 -30.22
CA SER E 159 -72.32 -73.02 -29.81
C SER E 159 -73.83 -72.83 -29.75
N LYS E 160 -74.28 -71.70 -29.22
CA LYS E 160 -75.72 -71.46 -29.14
C LYS E 160 -76.31 -71.14 -30.52
N GLN E 161 -75.57 -70.48 -31.39
CA GLN E 161 -76.03 -70.36 -32.78
C GLN E 161 -76.16 -71.72 -33.42
N GLY E 162 -75.23 -72.64 -33.11
CA GLY E 162 -75.37 -74.00 -33.59
C GLY E 162 -76.59 -74.71 -33.05
N GLU E 163 -76.89 -74.52 -31.76
CA GLU E 163 -78.04 -75.22 -31.19
C GLU E 163 -79.37 -74.62 -31.64
N LEU E 164 -79.43 -73.32 -31.91
CA LEU E 164 -80.59 -72.80 -32.65
C LEU E 164 -80.65 -73.36 -34.06
N ASP E 165 -79.50 -73.49 -34.73
CA ASP E 165 -79.47 -74.14 -36.03
C ASP E 165 -80.06 -75.55 -35.96
N SER E 166 -79.83 -76.24 -34.85
CA SER E 166 -80.54 -77.49 -34.60
C SER E 166 -82.02 -77.25 -34.31
N ARG E 167 -82.35 -76.16 -33.64
CA ARG E 167 -83.74 -75.85 -33.28
C ARG E 167 -84.40 -74.92 -34.29
N ARG E 168 -84.38 -75.31 -35.57
CA ARG E 168 -85.10 -74.59 -36.60
C ARG E 168 -85.93 -75.48 -37.52
N GLU E 169 -85.64 -76.78 -37.58
CA GLU E 169 -86.42 -77.68 -38.43
C GLU E 169 -87.83 -77.91 -37.88
N ALA E 170 -88.11 -77.47 -36.65
CA ALA E 170 -89.43 -77.66 -36.07
C ALA E 170 -90.50 -76.92 -36.87
N LEU E 171 -90.23 -75.68 -37.28
CA LEU E 171 -91.19 -74.95 -38.09
C LEU E 171 -91.37 -75.59 -39.46
N ALA E 172 -90.27 -76.06 -40.07
CA ALA E 172 -90.37 -76.72 -41.36
C ALA E 172 -91.22 -77.98 -41.27
N ALA E 173 -91.06 -78.75 -40.19
CA ALA E 173 -91.92 -79.91 -39.98
C ALA E 173 -93.36 -79.50 -39.77
N THR E 174 -93.61 -78.55 -38.88
CA THR E 174 -94.96 -78.10 -38.60
C THR E 174 -95.67 -77.64 -39.87
N ARG E 175 -94.91 -77.08 -40.81
CA ARG E 175 -95.49 -76.73 -42.10
C ARG E 175 -96.03 -77.97 -42.82
N LYS E 176 -95.30 -79.08 -42.77
CA LYS E 176 -95.74 -80.29 -43.45
C LYS E 176 -96.93 -80.94 -42.74
N GLU E 177 -96.83 -81.10 -41.42
CA GLU E 177 -97.93 -81.75 -40.70
C GLU E 177 -99.09 -80.80 -40.39
N ARG E 178 -99.03 -79.54 -40.81
CA ARG E 178 -100.21 -78.68 -40.72
C ARG E 178 -101.31 -79.14 -41.68
N GLN E 179 -100.92 -79.60 -42.88
CA GLN E 179 -101.89 -79.98 -43.89
C GLN E 179 -102.74 -81.17 -43.43
N GLN E 180 -102.11 -82.16 -42.79
CA GLN E 180 -102.85 -83.32 -42.33
C GLN E 180 -103.81 -83.01 -41.20
N ALA E 181 -103.58 -81.92 -40.46
CA ALA E 181 -104.46 -81.54 -39.36
C ALA E 181 -105.76 -80.93 -39.89
#